data_1VT7
# 
_entry.id   1VT7 
# 
_audit_conform.dict_name       mmcif_pdbx.dic 
_audit_conform.dict_version    5.383 
_audit_conform.dict_location   http://mmcif.pdb.org/dictionaries/ascii/mmcif_pdbx.dic 
# 
loop_
_database_2.database_id 
_database_2.database_code 
_database_2.pdbx_database_accession 
_database_2.pdbx_DOI 
PDB   1VT7         pdb_00001vt7 10.2210/pdb1vt7/pdb 
NDB   ADH016       ?            ?                   
RCSB  RCSB003031   ?            ?                   
WWPDB D_1000003031 ?            ?                   
# 
loop_
_pdbx_audit_revision_history.ordinal 
_pdbx_audit_revision_history.data_content_type 
_pdbx_audit_revision_history.major_revision 
_pdbx_audit_revision_history.minor_revision 
_pdbx_audit_revision_history.revision_date 
1 'Structure model' 1 0 2011-07-13 
2 'Structure model' 1 1 2018-04-18 
3 'Structure model' 1 2 2023-12-27 
# 
_pdbx_audit_revision_details.ordinal             1 
_pdbx_audit_revision_details.revision_ordinal    1 
_pdbx_audit_revision_details.data_content_type   'Structure model' 
_pdbx_audit_revision_details.provider            repository 
_pdbx_audit_revision_details.type                'Initial release' 
_pdbx_audit_revision_details.description         ? 
_pdbx_audit_revision_details.details             ? 
# 
loop_
_pdbx_audit_revision_group.ordinal 
_pdbx_audit_revision_group.revision_ordinal 
_pdbx_audit_revision_group.data_content_type 
_pdbx_audit_revision_group.group 
1 2 'Structure model' 'Data collection'     
2 3 'Structure model' 'Data collection'     
3 3 'Structure model' 'Database references' 
# 
loop_
_pdbx_audit_revision_category.ordinal 
_pdbx_audit_revision_category.revision_ordinal 
_pdbx_audit_revision_category.data_content_type 
_pdbx_audit_revision_category.category 
1 2 'Structure model' diffrn_detector 
2 3 'Structure model' chem_comp_atom  
3 3 'Structure model' chem_comp_bond  
4 3 'Structure model' database_2      
# 
loop_
_pdbx_audit_revision_item.ordinal 
_pdbx_audit_revision_item.revision_ordinal 
_pdbx_audit_revision_item.data_content_type 
_pdbx_audit_revision_item.item 
1 2 'Structure model' '_diffrn_detector.detector'           
2 3 'Structure model' '_database_2.pdbx_DOI'                
3 3 'Structure model' '_database_2.pdbx_database_accession' 
# 
_pdbx_database_status.status_code                     REL 
_pdbx_database_status.entry_id                        1VT7 
_pdbx_database_status.recvd_initial_deposition_date   1996-12-02 
_pdbx_database_status.deposit_site                    RCSB 
_pdbx_database_status.process_site                    RCSB 
_pdbx_database_status.SG_entry                        . 
_pdbx_database_status.status_code_sf                  ? 
_pdbx_database_status.status_code_mr                  ? 
_pdbx_database_status.status_code_cs                  ? 
_pdbx_database_status.pdb_format_compatible           Y 
_pdbx_database_status.methods_development_category    ? 
_pdbx_database_status.status_code_nmr_data            ? 
# 
loop_
_audit_author.name 
_audit_author.pdbx_ordinal 
'Rabinovich, D.' 1 
'Haran, T.'      2 
'Eisenstein, M.' 3 
'Shakked, Z.'    4 
# 
_citation.id                        primary 
_citation.title                     
'Structures of the mismatched duplex d(GGGTGCCC) and one of its Watson-Crick analogues d(GGGCGCCC).' 
_citation.journal_abbrev            J.Mol.Biol. 
_citation.journal_volume            200 
_citation.page_first                151 
_citation.page_last                 161 
_citation.year                      1988 
_citation.journal_id_ASTM           JMOBAK 
_citation.country                   UK 
_citation.journal_id_ISSN           0022-2836 
_citation.journal_id_CSD            0070 
_citation.book_publisher            ? 
_citation.pdbx_database_id_PubMed   3379638 
_citation.pdbx_database_id_DOI      ? 
# 
loop_
_citation_author.citation_id 
_citation_author.name 
_citation_author.ordinal 
_citation_author.identifier_ORCID 
primary 'Rabinovich, D.' 1 ? 
primary 'Haran, T.'      2 ? 
primary 'Eisenstein, M.' 3 ? 
primary 'Shakked, Z.'    4 ? 
# 
loop_
_entity.id 
_entity.type 
_entity.src_method 
_entity.pdbx_description 
_entity.formula_weight 
_entity.pdbx_number_of_molecules 
_entity.pdbx_ec 
_entity.pdbx_mutation 
_entity.pdbx_fragment 
_entity.details 
1 polymer syn 
;DNA (5'-D(*GP*GP*GP*TP*GP*CP*CP*C)-3')
;
2443.604 2  ? ? ? ? 
2 water   nat water                                    18.015   43 ? ? ? ? 
# 
_entity_poly.entity_id                      1 
_entity_poly.type                           polydeoxyribonucleotide 
_entity_poly.nstd_linkage                   no 
_entity_poly.nstd_monomer                   no 
_entity_poly.pdbx_seq_one_letter_code       '(DG)(DG)(DG)(DT)(DG)(DC)(DC)(DC)' 
_entity_poly.pdbx_seq_one_letter_code_can   GGGTGCCC 
_entity_poly.pdbx_strand_id                 A,B 
_entity_poly.pdbx_target_identifier         ? 
# 
_pdbx_entity_nonpoly.entity_id   2 
_pdbx_entity_nonpoly.name        water 
_pdbx_entity_nonpoly.comp_id     HOH 
# 
loop_
_entity_poly_seq.entity_id 
_entity_poly_seq.num 
_entity_poly_seq.mon_id 
_entity_poly_seq.hetero 
1 1 DG n 
1 2 DG n 
1 3 DG n 
1 4 DT n 
1 5 DG n 
1 6 DC n 
1 7 DC n 
1 8 DC n 
# 
_pdbx_entity_src_syn.entity_id              1 
_pdbx_entity_src_syn.pdbx_src_id            1 
_pdbx_entity_src_syn.pdbx_alt_source_flag   sample 
_pdbx_entity_src_syn.pdbx_beg_seq_num       ? 
_pdbx_entity_src_syn.pdbx_end_seq_num       ? 
_pdbx_entity_src_syn.organism_scientific    ? 
_pdbx_entity_src_syn.organism_common_name   ? 
_pdbx_entity_src_syn.ncbi_taxonomy_id       ? 
_pdbx_entity_src_syn.details                'synthetic oligomer' 
# 
loop_
_chem_comp.id 
_chem_comp.type 
_chem_comp.mon_nstd_flag 
_chem_comp.name 
_chem_comp.pdbx_synonyms 
_chem_comp.formula 
_chem_comp.formula_weight 
DC  'DNA linking' y "2'-DEOXYCYTIDINE-5'-MONOPHOSPHATE"  ? 'C9 H14 N3 O7 P'  307.197 
DG  'DNA linking' y "2'-DEOXYGUANOSINE-5'-MONOPHOSPHATE" ? 'C10 H14 N5 O7 P' 347.221 
DT  'DNA linking' y "THYMIDINE-5'-MONOPHOSPHATE"         ? 'C10 H15 N2 O8 P' 322.208 
HOH non-polymer   . WATER                                ? 'H2 O'            18.015  
# 
loop_
_pdbx_poly_seq_scheme.asym_id 
_pdbx_poly_seq_scheme.entity_id 
_pdbx_poly_seq_scheme.seq_id 
_pdbx_poly_seq_scheme.mon_id 
_pdbx_poly_seq_scheme.ndb_seq_num 
_pdbx_poly_seq_scheme.pdb_seq_num 
_pdbx_poly_seq_scheme.auth_seq_num 
_pdbx_poly_seq_scheme.pdb_mon_id 
_pdbx_poly_seq_scheme.auth_mon_id 
_pdbx_poly_seq_scheme.pdb_strand_id 
_pdbx_poly_seq_scheme.pdb_ins_code 
_pdbx_poly_seq_scheme.hetero 
A 1 1 DG 1 1  1  DG G A . n 
A 1 2 DG 2 2  2  DG G A . n 
A 1 3 DG 3 3  3  DG G A . n 
A 1 4 DT 4 4  4  DT T A . n 
A 1 5 DG 5 5  5  DG G A . n 
A 1 6 DC 6 6  6  DC C A . n 
A 1 7 DC 7 7  7  DC C A . n 
A 1 8 DC 8 8  8  DC C A . n 
B 1 1 DG 1 9  9  DG G B . n 
B 1 2 DG 2 10 10 DG G B . n 
B 1 3 DG 3 11 11 DG G B . n 
B 1 4 DT 4 12 12 DT T B . n 
B 1 5 DG 5 13 13 DG G B . n 
B 1 6 DC 6 14 14 DC C B . n 
B 1 7 DC 7 15 15 DC C B . n 
B 1 8 DC 8 16 16 DC C B . n 
# 
loop_
_pdbx_nonpoly_scheme.asym_id 
_pdbx_nonpoly_scheme.entity_id 
_pdbx_nonpoly_scheme.mon_id 
_pdbx_nonpoly_scheme.ndb_seq_num 
_pdbx_nonpoly_scheme.pdb_seq_num 
_pdbx_nonpoly_scheme.auth_seq_num 
_pdbx_nonpoly_scheme.pdb_mon_id 
_pdbx_nonpoly_scheme.auth_mon_id 
_pdbx_nonpoly_scheme.pdb_strand_id 
_pdbx_nonpoly_scheme.pdb_ins_code 
C 2 HOH 1  19 19 HOH HOH A . 
C 2 HOH 2  20 20 HOH HOH A . 
C 2 HOH 3  23 23 HOH HOH A . 
C 2 HOH 4  24 24 HOH HOH A . 
C 2 HOH 5  25 25 HOH HOH A . 
C 2 HOH 6  29 29 HOH HOH A . 
C 2 HOH 7  31 31 HOH HOH A . 
C 2 HOH 8  32 32 HOH HOH A . 
C 2 HOH 9  34 34 HOH HOH A . 
C 2 HOH 10 35 35 HOH HOH A . 
C 2 HOH 11 37 37 HOH HOH A . 
C 2 HOH 12 40 40 HOH HOH A . 
C 2 HOH 13 41 41 HOH HOH A . 
C 2 HOH 14 42 42 HOH HOH A . 
C 2 HOH 15 44 44 HOH HOH A . 
C 2 HOH 16 48 48 HOH HOH A . 
C 2 HOH 17 49 49 HOH HOH A . 
C 2 HOH 18 50 50 HOH HOH A . 
C 2 HOH 19 51 51 HOH HOH A . 
C 2 HOH 20 52 52 HOH HOH A . 
C 2 HOH 21 54 54 HOH HOH A . 
C 2 HOH 22 56 56 HOH HOH A . 
C 2 HOH 23 59 59 HOH HOH A . 
D 2 HOH 1  17 17 HOH HOH B . 
D 2 HOH 2  18 18 HOH HOH B . 
D 2 HOH 3  21 21 HOH HOH B . 
D 2 HOH 4  22 22 HOH HOH B . 
D 2 HOH 5  26 26 HOH HOH B . 
D 2 HOH 6  27 27 HOH HOH B . 
D 2 HOH 7  28 28 HOH HOH B . 
D 2 HOH 8  30 30 HOH HOH B . 
D 2 HOH 9  33 33 HOH HOH B . 
D 2 HOH 10 36 36 HOH HOH B . 
D 2 HOH 11 38 38 HOH HOH B . 
D 2 HOH 12 39 39 HOH HOH B . 
D 2 HOH 13 43 43 HOH HOH B . 
D 2 HOH 14 45 45 HOH HOH B . 
D 2 HOH 15 46 46 HOH HOH B . 
D 2 HOH 16 47 47 HOH HOH B . 
D 2 HOH 17 53 53 HOH HOH B . 
D 2 HOH 18 55 55 HOH HOH B . 
D 2 HOH 19 57 57 HOH HOH B . 
D 2 HOH 20 58 58 HOH HOH B . 
# 
_software.name             NUCLSQ 
_software.classification   refinement 
_software.version          . 
_software.citation_id      ? 
_software.pdbx_ordinal     1 
# 
_cell.entry_id           1VT7 
_cell.length_a           45.620 
_cell.length_b           45.620 
_cell.length_c           40.990 
_cell.angle_alpha        90.00 
_cell.angle_beta         90.00 
_cell.angle_gamma        120.00 
_cell.Z_PDB              12 
_cell.pdbx_unique_axis   ? 
_cell.length_a_esd       ? 
_cell.length_b_esd       ? 
_cell.length_c_esd       ? 
_cell.angle_alpha_esd    ? 
_cell.angle_beta_esd     ? 
_cell.angle_gamma_esd    ? 
# 
_symmetry.entry_id                         1VT7 
_symmetry.space_group_name_H-M             'P 61' 
_symmetry.pdbx_full_space_group_name_H-M   ? 
_symmetry.cell_setting                     ? 
_symmetry.Int_Tables_number                169 
_symmetry.space_group_name_Hall            ? 
# 
_exptl.entry_id          1VT7 
_exptl.method            'X-RAY DIFFRACTION' 
_exptl.crystals_number   ? 
# 
_exptl_crystal.id                    1 
_exptl_crystal.density_meas          ? 
_exptl_crystal.density_percent_sol   51.18 
_exptl_crystal.density_Matthews      2.52 
_exptl_crystal.description           ? 
_exptl_crystal.F_000                 ? 
_exptl_crystal.preparation           ? 
# 
_exptl_crystal_grow.crystal_id      1 
_exptl_crystal_grow.method          'VAPOR DIFFUSION' 
_exptl_crystal_grow.temp            277.00 
_exptl_crystal_grow.temp_details    ? 
_exptl_crystal_grow.pH              7.00 
_exptl_crystal_grow.pdbx_details    'MPD, MgCl2, spermine, sodium cacodylate, pH 7.00, VAPOR DIFFUSION, temperature 277.00K' 
_exptl_crystal_grow.pdbx_pH_range   ? 
# 
loop_
_exptl_crystal_grow_comp.crystal_id 
_exptl_crystal_grow_comp.id 
_exptl_crystal_grow_comp.sol_id 
_exptl_crystal_grow_comp.name 
_exptl_crystal_grow_comp.volume 
_exptl_crystal_grow_comp.conc 
_exptl_crystal_grow_comp.details 
1 1 1 WATER           1  2  3  
1 2 1 MPD             4  5  6  
1 3 1 MGCL2           7  8  9  
1 4 1 SPERMINE_HCL    10 11 12 
1 5 1 'NA CACODYLATE' 13 14 15 
1 6 2 WATER           16 17 18 
1 7 2 MPD             19 20 21 
# 
_diffrn.id                     1 
_diffrn.ambient_temp           ? 
_diffrn.ambient_temp_details   'ROOM TEMPERATURE' 
_diffrn.crystal_id             1 
# 
_diffrn_detector.diffrn_id              1 
_diffrn_detector.detector               CCD 
_diffrn_detector.type                   'NONIUS CAD4' 
_diffrn_detector.pdbx_collection_date   ? 
_diffrn_detector.details                ? 
# 
_diffrn_radiation.diffrn_id                        1 
_diffrn_radiation.wavelength_id                    1 
_diffrn_radiation.pdbx_monochromatic_or_laue_m_l   M 
_diffrn_radiation.monochromator                    ? 
_diffrn_radiation.pdbx_diffrn_protocol             'SINGLE WAVELENGTH' 
_diffrn_radiation.pdbx_scattering_type             x-ray 
# 
_diffrn_radiation_wavelength.id           1 
_diffrn_radiation_wavelength.wavelength   1.5418 
_diffrn_radiation_wavelength.wt           1.0 
# 
_diffrn_source.diffrn_id                   1 
_diffrn_source.source                      ? 
_diffrn_source.type                        ? 
_diffrn_source.pdbx_synchrotron_site       ? 
_diffrn_source.pdbx_synchrotron_beamline   ? 
_diffrn_source.pdbx_wavelength             1.5418 
_diffrn_source.pdbx_wavelength_list        ? 
# 
_reflns.entry_id                     1VT7 
_reflns.observed_criterion_sigma_I   ? 
_reflns.observed_criterion_sigma_F   ? 
_reflns.d_resolution_low             ? 
_reflns.d_resolution_high            2.500 
_reflns.number_obs                   2000 
_reflns.number_all                   ? 
_reflns.percent_possible_obs         ? 
_reflns.pdbx_Rmerge_I_obs            ? 
_reflns.pdbx_Rsym_value              ? 
_reflns.pdbx_netI_over_sigmaI        ? 
_reflns.B_iso_Wilson_estimate        ? 
_reflns.pdbx_redundancy              ? 
_reflns.R_free_details               ? 
_reflns.limit_h_max                  ? 
_reflns.limit_h_min                  ? 
_reflns.limit_k_max                  ? 
_reflns.limit_k_min                  ? 
_reflns.limit_l_max                  ? 
_reflns.limit_l_min                  ? 
_reflns.observed_criterion_F_max     ? 
_reflns.observed_criterion_F_min     ? 
_reflns.pdbx_chi_squared             ? 
_reflns.pdbx_scaling_rejects         ? 
_reflns.pdbx_ordinal                 1 
_reflns.pdbx_diffrn_id               1 
# 
_refine.entry_id                                 1VT7 
_refine.ls_number_reflns_obs                     1362 
_refine.ls_number_reflns_all                     ? 
_refine.pdbx_ls_sigma_I                          ? 
_refine.pdbx_ls_sigma_F                          2.000 
_refine.pdbx_data_cutoff_high_absF               ? 
_refine.pdbx_data_cutoff_low_absF                ? 
_refine.pdbx_data_cutoff_high_rms_absF           ? 
_refine.ls_d_res_low                             ? 
_refine.ls_d_res_high                            2.500 
_refine.ls_percent_reflns_obs                    ? 
_refine.ls_R_factor_obs                          0.1520000 
_refine.ls_R_factor_all                          ? 
_refine.ls_R_factor_R_work                       0.1520000 
_refine.ls_R_factor_R_free                       ? 
_refine.ls_R_factor_R_free_error                 ? 
_refine.ls_R_factor_R_free_error_details         ? 
_refine.ls_percent_reflns_R_free                 ? 
_refine.ls_number_reflns_R_free                  ? 
_refine.ls_number_parameters                     ? 
_refine.ls_number_restraints                     ? 
_refine.occupancy_min                            ? 
_refine.occupancy_max                            ? 
_refine.B_iso_mean                               ? 
_refine.aniso_B[1][1]                            ? 
_refine.aniso_B[2][2]                            ? 
_refine.aniso_B[3][3]                            ? 
_refine.aniso_B[1][2]                            ? 
_refine.aniso_B[1][3]                            ? 
_refine.aniso_B[2][3]                            ? 
_refine.solvent_model_details                    ? 
_refine.solvent_model_param_ksol                 ? 
_refine.solvent_model_param_bsol                 ? 
_refine.pdbx_ls_cross_valid_method               ? 
_refine.details                                  ? 
_refine.pdbx_starting_model                      ? 
_refine.pdbx_method_to_determine_struct          ? 
_refine.pdbx_isotropic_thermal_model             ? 
_refine.pdbx_stereochemistry_target_values       ? 
_refine.pdbx_stereochem_target_val_spec_case     ? 
_refine.pdbx_R_Free_selection_details            ? 
_refine.pdbx_overall_ESU_R_Free                  ? 
_refine.overall_SU_ML                            ? 
_refine.overall_SU_B                             ? 
_refine.ls_redundancy_reflns_obs                 ? 
_refine.correlation_coeff_Fo_to_Fc               ? 
_refine.correlation_coeff_Fo_to_Fc_free          ? 
_refine.overall_SU_R_Cruickshank_DPI             ? 
_refine.overall_SU_R_free                        ? 
_refine.pdbx_overall_phase_error                 ? 
_refine.B_iso_min                                ? 
_refine.B_iso_max                                ? 
_refine.pdbx_solvent_vdw_probe_radii             ? 
_refine.pdbx_solvent_ion_probe_radii             ? 
_refine.pdbx_solvent_shrinkage_radii             ? 
_refine.ls_wR_factor_R_free                      ? 
_refine.ls_wR_factor_R_work                      ? 
_refine.overall_FOM_free_R_set                   ? 
_refine.overall_FOM_work_R_set                   ? 
_refine.pdbx_diffrn_id                           1 
_refine.pdbx_refine_id                           'X-RAY DIFFRACTION' 
_refine.pdbx_overall_ESU_R                       ? 
_refine.pdbx_TLS_residual_ADP_flag               ? 
_refine.pdbx_overall_SU_R_free_Cruickshank_DPI   ? 
_refine.pdbx_overall_SU_R_Blow_DPI               ? 
_refine.pdbx_overall_SU_R_free_Blow_DPI          ? 
# 
_refine_hist.pdbx_refine_id                   'X-RAY DIFFRACTION' 
_refine_hist.cycle_id                         LAST 
_refine_hist.pdbx_number_atoms_protein        0 
_refine_hist.pdbx_number_atoms_nucleic_acid   324 
_refine_hist.pdbx_number_atoms_ligand         0 
_refine_hist.number_atoms_solvent             43 
_refine_hist.number_atoms_total               367 
_refine_hist.d_res_high                       2.500 
_refine_hist.d_res_low                        . 
# 
_struct.entry_id                  1VT7 
_struct.title                     'Structures of the mismatched duplex D(GGGTGCCC)' 
_struct.pdbx_model_details        ? 
_struct.pdbx_CASP_flag            ? 
_struct.pdbx_model_type_details   ? 
# 
_struct_keywords.entry_id        1VT7 
_struct_keywords.pdbx_keywords   DNA 
_struct_keywords.text            'A-DNA, DOUBLE HELIX, MISMATCHED, DNA' 
# 
loop_
_struct_asym.id 
_struct_asym.pdbx_blank_PDB_chainid_flag 
_struct_asym.pdbx_modified 
_struct_asym.entity_id 
_struct_asym.details 
A N N 1 ? 
B N N 1 ? 
C N N 2 ? 
D N N 2 ? 
# 
_struct_ref.id                         1 
_struct_ref.db_name                    PDB 
_struct_ref.db_code                    1VT7 
_struct_ref.pdbx_db_accession          1VT7 
_struct_ref.entity_id                  1 
_struct_ref.pdbx_align_begin           1 
_struct_ref.pdbx_seq_one_letter_code   GGGTGCCC 
_struct_ref.pdbx_db_isoform            ? 
# 
loop_
_struct_ref_seq.align_id 
_struct_ref_seq.ref_id 
_struct_ref_seq.pdbx_PDB_id_code 
_struct_ref_seq.pdbx_strand_id 
_struct_ref_seq.seq_align_beg 
_struct_ref_seq.pdbx_seq_align_beg_ins_code 
_struct_ref_seq.seq_align_end 
_struct_ref_seq.pdbx_seq_align_end_ins_code 
_struct_ref_seq.pdbx_db_accession 
_struct_ref_seq.db_align_beg 
_struct_ref_seq.pdbx_db_align_beg_ins_code 
_struct_ref_seq.db_align_end 
_struct_ref_seq.pdbx_db_align_end_ins_code 
_struct_ref_seq.pdbx_auth_seq_align_beg 
_struct_ref_seq.pdbx_auth_seq_align_end 
1 1 1VT7 A 1 ? 8 ? 1VT7 1 ? 8  ? 1 8  
2 1 1VT7 B 1 ? 8 ? 1VT7 9 ? 16 ? 9 16 
# 
_pdbx_struct_assembly.id                   1 
_pdbx_struct_assembly.details              author_and_software_defined_assembly 
_pdbx_struct_assembly.method_details       PISA 
_pdbx_struct_assembly.oligomeric_details   dimeric 
_pdbx_struct_assembly.oligomeric_count     2 
# 
loop_
_pdbx_struct_assembly_prop.biol_id 
_pdbx_struct_assembly_prop.type 
_pdbx_struct_assembly_prop.value 
_pdbx_struct_assembly_prop.details 
1 'ABSA (A^2)' 800  ? 
1 MORE         -7   ? 
1 'SSA (A^2)'  3060 ? 
# 
_pdbx_struct_assembly_gen.assembly_id       1 
_pdbx_struct_assembly_gen.oper_expression   1 
_pdbx_struct_assembly_gen.asym_id_list      A,B,C,D 
# 
_pdbx_struct_oper_list.id                   1 
_pdbx_struct_oper_list.type                 'identity operation' 
_pdbx_struct_oper_list.name                 1_555 
_pdbx_struct_oper_list.symmetry_operation   x,y,z 
_pdbx_struct_oper_list.matrix[1][1]         1.0000000000 
_pdbx_struct_oper_list.matrix[1][2]         0.0000000000 
_pdbx_struct_oper_list.matrix[1][3]         0.0000000000 
_pdbx_struct_oper_list.vector[1]            0.0000000000 
_pdbx_struct_oper_list.matrix[2][1]         0.0000000000 
_pdbx_struct_oper_list.matrix[2][2]         1.0000000000 
_pdbx_struct_oper_list.matrix[2][3]         0.0000000000 
_pdbx_struct_oper_list.vector[2]            0.0000000000 
_pdbx_struct_oper_list.matrix[3][1]         0.0000000000 
_pdbx_struct_oper_list.matrix[3][2]         0.0000000000 
_pdbx_struct_oper_list.matrix[3][3]         1.0000000000 
_pdbx_struct_oper_list.vector[3]            0.0000000000 
# 
_struct_biol.id        1 
_struct_biol.details   ? 
# 
loop_
_struct_conn.id 
_struct_conn.conn_type_id 
_struct_conn.pdbx_leaving_atom_flag 
_struct_conn.pdbx_PDB_id 
_struct_conn.ptnr1_label_asym_id 
_struct_conn.ptnr1_label_comp_id 
_struct_conn.ptnr1_label_seq_id 
_struct_conn.ptnr1_label_atom_id 
_struct_conn.pdbx_ptnr1_label_alt_id 
_struct_conn.pdbx_ptnr1_PDB_ins_code 
_struct_conn.pdbx_ptnr1_standard_comp_id 
_struct_conn.ptnr1_symmetry 
_struct_conn.ptnr2_label_asym_id 
_struct_conn.ptnr2_label_comp_id 
_struct_conn.ptnr2_label_seq_id 
_struct_conn.ptnr2_label_atom_id 
_struct_conn.pdbx_ptnr2_label_alt_id 
_struct_conn.pdbx_ptnr2_PDB_ins_code 
_struct_conn.ptnr1_auth_asym_id 
_struct_conn.ptnr1_auth_comp_id 
_struct_conn.ptnr1_auth_seq_id 
_struct_conn.ptnr2_auth_asym_id 
_struct_conn.ptnr2_auth_comp_id 
_struct_conn.ptnr2_auth_seq_id 
_struct_conn.ptnr2_symmetry 
_struct_conn.pdbx_ptnr3_label_atom_id 
_struct_conn.pdbx_ptnr3_label_seq_id 
_struct_conn.pdbx_ptnr3_label_comp_id 
_struct_conn.pdbx_ptnr3_label_asym_id 
_struct_conn.pdbx_ptnr3_label_alt_id 
_struct_conn.pdbx_ptnr3_PDB_ins_code 
_struct_conn.details 
_struct_conn.pdbx_dist_value 
_struct_conn.pdbx_value_order 
_struct_conn.pdbx_role 
hydrog1  hydrog ? ? A DG 1 N1 ? ? ? 1_555 B DC 8 N3 ? ? A DG 1 B DC 16 1_555 ? ? ? ? ? ? WATSON-CRICK ? ? ? 
hydrog2  hydrog ? ? A DG 1 N2 ? ? ? 1_555 B DC 8 O2 ? ? A DG 1 B DC 16 1_555 ? ? ? ? ? ? WATSON-CRICK ? ? ? 
hydrog3  hydrog ? ? A DG 1 O6 ? ? ? 1_555 B DC 8 N4 ? ? A DG 1 B DC 16 1_555 ? ? ? ? ? ? WATSON-CRICK ? ? ? 
hydrog4  hydrog ? ? A DG 2 N1 ? ? ? 1_555 B DC 7 N3 ? ? A DG 2 B DC 15 1_555 ? ? ? ? ? ? WATSON-CRICK ? ? ? 
hydrog5  hydrog ? ? A DG 2 N2 ? ? ? 1_555 B DC 7 O2 ? ? A DG 2 B DC 15 1_555 ? ? ? ? ? ? WATSON-CRICK ? ? ? 
hydrog6  hydrog ? ? A DG 2 O6 ? ? ? 1_555 B DC 7 N4 ? ? A DG 2 B DC 15 1_555 ? ? ? ? ? ? WATSON-CRICK ? ? ? 
hydrog7  hydrog ? ? A DG 3 N1 ? ? ? 1_555 B DC 6 N3 ? ? A DG 3 B DC 14 1_555 ? ? ? ? ? ? WATSON-CRICK ? ? ? 
hydrog8  hydrog ? ? A DG 3 N2 ? ? ? 1_555 B DC 6 O2 ? ? A DG 3 B DC 14 1_555 ? ? ? ? ? ? WATSON-CRICK ? ? ? 
hydrog9  hydrog ? ? A DG 3 O6 ? ? ? 1_555 B DC 6 N4 ? ? A DG 3 B DC 14 1_555 ? ? ? ? ? ? WATSON-CRICK ? ? ? 
hydrog10 hydrog ? ? A DT 4 N3 ? ? ? 1_555 B DG 5 O6 ? ? A DT 4 B DG 13 1_555 ? ? ? ? ? ? TYPE_28_PAIR ? ? ? 
hydrog11 hydrog ? ? A DT 4 O2 ? ? ? 1_555 B DG 5 N1 ? ? A DT 4 B DG 13 1_555 ? ? ? ? ? ? TYPE_28_PAIR ? ? ? 
hydrog12 hydrog ? ? A DG 5 N1 ? ? ? 1_555 B DT 4 O2 ? ? A DG 5 B DT 12 1_555 ? ? ? ? ? ? TYPE_28_PAIR ? ? ? 
hydrog13 hydrog ? ? A DG 5 O6 ? ? ? 1_555 B DT 4 N3 ? ? A DG 5 B DT 12 1_555 ? ? ? ? ? ? TYPE_28_PAIR ? ? ? 
hydrog14 hydrog ? ? A DC 6 N3 ? ? ? 1_555 B DG 3 N1 ? ? A DC 6 B DG 11 1_555 ? ? ? ? ? ? WATSON-CRICK ? ? ? 
hydrog15 hydrog ? ? A DC 6 N4 ? ? ? 1_555 B DG 3 O6 ? ? A DC 6 B DG 11 1_555 ? ? ? ? ? ? WATSON-CRICK ? ? ? 
hydrog16 hydrog ? ? A DC 6 O2 ? ? ? 1_555 B DG 3 N2 ? ? A DC 6 B DG 11 1_555 ? ? ? ? ? ? WATSON-CRICK ? ? ? 
hydrog17 hydrog ? ? A DC 7 N3 ? ? ? 1_555 B DG 2 N1 ? ? A DC 7 B DG 10 1_555 ? ? ? ? ? ? WATSON-CRICK ? ? ? 
hydrog18 hydrog ? ? A DC 7 N4 ? ? ? 1_555 B DG 2 O6 ? ? A DC 7 B DG 10 1_555 ? ? ? ? ? ? WATSON-CRICK ? ? ? 
hydrog19 hydrog ? ? A DC 7 O2 ? ? ? 1_555 B DG 2 N2 ? ? A DC 7 B DG 10 1_555 ? ? ? ? ? ? WATSON-CRICK ? ? ? 
hydrog20 hydrog ? ? A DC 8 N3 ? ? ? 1_555 B DG 1 N1 ? ? A DC 8 B DG 9  1_555 ? ? ? ? ? ? WATSON-CRICK ? ? ? 
hydrog21 hydrog ? ? A DC 8 N4 ? ? ? 1_555 B DG 1 O6 ? ? A DC 8 B DG 9  1_555 ? ? ? ? ? ? WATSON-CRICK ? ? ? 
hydrog22 hydrog ? ? A DC 8 O2 ? ? ? 1_555 B DG 1 N2 ? ? A DC 8 B DG 9  1_555 ? ? ? ? ? ? WATSON-CRICK ? ? ? 
# 
_struct_conn_type.id          hydrog 
_struct_conn_type.criteria    ? 
_struct_conn_type.reference   ? 
# 
loop_
_pdbx_validate_rmsd_angle.id 
_pdbx_validate_rmsd_angle.PDB_model_num 
_pdbx_validate_rmsd_angle.auth_atom_id_1 
_pdbx_validate_rmsd_angle.auth_asym_id_1 
_pdbx_validate_rmsd_angle.auth_comp_id_1 
_pdbx_validate_rmsd_angle.auth_seq_id_1 
_pdbx_validate_rmsd_angle.PDB_ins_code_1 
_pdbx_validate_rmsd_angle.label_alt_id_1 
_pdbx_validate_rmsd_angle.auth_atom_id_2 
_pdbx_validate_rmsd_angle.auth_asym_id_2 
_pdbx_validate_rmsd_angle.auth_comp_id_2 
_pdbx_validate_rmsd_angle.auth_seq_id_2 
_pdbx_validate_rmsd_angle.PDB_ins_code_2 
_pdbx_validate_rmsd_angle.label_alt_id_2 
_pdbx_validate_rmsd_angle.auth_atom_id_3 
_pdbx_validate_rmsd_angle.auth_asym_id_3 
_pdbx_validate_rmsd_angle.auth_comp_id_3 
_pdbx_validate_rmsd_angle.auth_seq_id_3 
_pdbx_validate_rmsd_angle.PDB_ins_code_3 
_pdbx_validate_rmsd_angle.label_alt_id_3 
_pdbx_validate_rmsd_angle.angle_value 
_pdbx_validate_rmsd_angle.angle_target_value 
_pdbx_validate_rmsd_angle.angle_deviation 
_pdbx_validate_rmsd_angle.angle_standard_deviation 
_pdbx_validate_rmsd_angle.linker_flag 
1 1 "O4'" A DG 1  ? ? "C1'" A DG 1  ? ? N9    A DG 1  ? ? 110.43 108.30 2.13  0.30 N 
2 1 "O5'" A DG 5  ? ? "C5'" A DG 5  ? ? "C4'" A DG 5  ? ? 103.68 109.40 -5.72 0.80 N 
3 1 "O4'" A DG 5  ? ? "C4'" A DG 5  ? ? "C3'" A DG 5  ? ? 101.31 104.50 -3.19 0.40 N 
4 1 "C4'" A DC 6  ? ? "C3'" A DC 6  ? ? "C2'" A DC 6  ? ? 97.69  102.20 -4.51 0.70 N 
5 1 "C3'" A DC 6  ? ? "O3'" A DC 6  ? ? P     A DC 7  ? ? 127.26 119.70 7.56  1.20 Y 
6 1 "O5'" A DC 8  ? ? "C5'" A DC 8  ? ? "C4'" A DC 8  ? ? 103.75 109.40 -5.65 0.80 N 
7 1 "O4'" B DT 12 ? ? "C1'" B DT 12 ? ? N1    B DT 12 ? ? 110.23 108.30 1.93  0.30 N 
8 1 "O4'" B DC 16 ? ? "C1'" B DC 16 ? ? N1    B DC 16 ? ? 110.85 108.30 2.55  0.30 N 
# 
loop_
_chem_comp_atom.comp_id 
_chem_comp_atom.atom_id 
_chem_comp_atom.type_symbol 
_chem_comp_atom.pdbx_aromatic_flag 
_chem_comp_atom.pdbx_stereo_config 
_chem_comp_atom.pdbx_ordinal 
DC  OP3    O N N 1   
DC  P      P N N 2   
DC  OP1    O N N 3   
DC  OP2    O N N 4   
DC  "O5'"  O N N 5   
DC  "C5'"  C N N 6   
DC  "C4'"  C N R 7   
DC  "O4'"  O N N 8   
DC  "C3'"  C N S 9   
DC  "O3'"  O N N 10  
DC  "C2'"  C N N 11  
DC  "C1'"  C N R 12  
DC  N1     N N N 13  
DC  C2     C N N 14  
DC  O2     O N N 15  
DC  N3     N N N 16  
DC  C4     C N N 17  
DC  N4     N N N 18  
DC  C5     C N N 19  
DC  C6     C N N 20  
DC  HOP3   H N N 21  
DC  HOP2   H N N 22  
DC  "H5'"  H N N 23  
DC  "H5''" H N N 24  
DC  "H4'"  H N N 25  
DC  "H3'"  H N N 26  
DC  "HO3'" H N N 27  
DC  "H2'"  H N N 28  
DC  "H2''" H N N 29  
DC  "H1'"  H N N 30  
DC  H41    H N N 31  
DC  H42    H N N 32  
DC  H5     H N N 33  
DC  H6     H N N 34  
DG  OP3    O N N 35  
DG  P      P N N 36  
DG  OP1    O N N 37  
DG  OP2    O N N 38  
DG  "O5'"  O N N 39  
DG  "C5'"  C N N 40  
DG  "C4'"  C N R 41  
DG  "O4'"  O N N 42  
DG  "C3'"  C N S 43  
DG  "O3'"  O N N 44  
DG  "C2'"  C N N 45  
DG  "C1'"  C N R 46  
DG  N9     N Y N 47  
DG  C8     C Y N 48  
DG  N7     N Y N 49  
DG  C5     C Y N 50  
DG  C6     C N N 51  
DG  O6     O N N 52  
DG  N1     N N N 53  
DG  C2     C N N 54  
DG  N2     N N N 55  
DG  N3     N N N 56  
DG  C4     C Y N 57  
DG  HOP3   H N N 58  
DG  HOP2   H N N 59  
DG  "H5'"  H N N 60  
DG  "H5''" H N N 61  
DG  "H4'"  H N N 62  
DG  "H3'"  H N N 63  
DG  "HO3'" H N N 64  
DG  "H2'"  H N N 65  
DG  "H2''" H N N 66  
DG  "H1'"  H N N 67  
DG  H8     H N N 68  
DG  H1     H N N 69  
DG  H21    H N N 70  
DG  H22    H N N 71  
DT  OP3    O N N 72  
DT  P      P N N 73  
DT  OP1    O N N 74  
DT  OP2    O N N 75  
DT  "O5'"  O N N 76  
DT  "C5'"  C N N 77  
DT  "C4'"  C N R 78  
DT  "O4'"  O N N 79  
DT  "C3'"  C N S 80  
DT  "O3'"  O N N 81  
DT  "C2'"  C N N 82  
DT  "C1'"  C N R 83  
DT  N1     N N N 84  
DT  C2     C N N 85  
DT  O2     O N N 86  
DT  N3     N N N 87  
DT  C4     C N N 88  
DT  O4     O N N 89  
DT  C5     C N N 90  
DT  C7     C N N 91  
DT  C6     C N N 92  
DT  HOP3   H N N 93  
DT  HOP2   H N N 94  
DT  "H5'"  H N N 95  
DT  "H5''" H N N 96  
DT  "H4'"  H N N 97  
DT  "H3'"  H N N 98  
DT  "HO3'" H N N 99  
DT  "H2'"  H N N 100 
DT  "H2''" H N N 101 
DT  "H1'"  H N N 102 
DT  H3     H N N 103 
DT  H71    H N N 104 
DT  H72    H N N 105 
DT  H73    H N N 106 
DT  H6     H N N 107 
HOH O      O N N 108 
HOH H1     H N N 109 
HOH H2     H N N 110 
# 
loop_
_chem_comp_bond.comp_id 
_chem_comp_bond.atom_id_1 
_chem_comp_bond.atom_id_2 
_chem_comp_bond.value_order 
_chem_comp_bond.pdbx_aromatic_flag 
_chem_comp_bond.pdbx_stereo_config 
_chem_comp_bond.pdbx_ordinal 
DC  OP3   P      sing N N 1   
DC  OP3   HOP3   sing N N 2   
DC  P     OP1    doub N N 3   
DC  P     OP2    sing N N 4   
DC  P     "O5'"  sing N N 5   
DC  OP2   HOP2   sing N N 6   
DC  "O5'" "C5'"  sing N N 7   
DC  "C5'" "C4'"  sing N N 8   
DC  "C5'" "H5'"  sing N N 9   
DC  "C5'" "H5''" sing N N 10  
DC  "C4'" "O4'"  sing N N 11  
DC  "C4'" "C3'"  sing N N 12  
DC  "C4'" "H4'"  sing N N 13  
DC  "O4'" "C1'"  sing N N 14  
DC  "C3'" "O3'"  sing N N 15  
DC  "C3'" "C2'"  sing N N 16  
DC  "C3'" "H3'"  sing N N 17  
DC  "O3'" "HO3'" sing N N 18  
DC  "C2'" "C1'"  sing N N 19  
DC  "C2'" "H2'"  sing N N 20  
DC  "C2'" "H2''" sing N N 21  
DC  "C1'" N1     sing N N 22  
DC  "C1'" "H1'"  sing N N 23  
DC  N1    C2     sing N N 24  
DC  N1    C6     sing N N 25  
DC  C2    O2     doub N N 26  
DC  C2    N3     sing N N 27  
DC  N3    C4     doub N N 28  
DC  C4    N4     sing N N 29  
DC  C4    C5     sing N N 30  
DC  N4    H41    sing N N 31  
DC  N4    H42    sing N N 32  
DC  C5    C6     doub N N 33  
DC  C5    H5     sing N N 34  
DC  C6    H6     sing N N 35  
DG  OP3   P      sing N N 36  
DG  OP3   HOP3   sing N N 37  
DG  P     OP1    doub N N 38  
DG  P     OP2    sing N N 39  
DG  P     "O5'"  sing N N 40  
DG  OP2   HOP2   sing N N 41  
DG  "O5'" "C5'"  sing N N 42  
DG  "C5'" "C4'"  sing N N 43  
DG  "C5'" "H5'"  sing N N 44  
DG  "C5'" "H5''" sing N N 45  
DG  "C4'" "O4'"  sing N N 46  
DG  "C4'" "C3'"  sing N N 47  
DG  "C4'" "H4'"  sing N N 48  
DG  "O4'" "C1'"  sing N N 49  
DG  "C3'" "O3'"  sing N N 50  
DG  "C3'" "C2'"  sing N N 51  
DG  "C3'" "H3'"  sing N N 52  
DG  "O3'" "HO3'" sing N N 53  
DG  "C2'" "C1'"  sing N N 54  
DG  "C2'" "H2'"  sing N N 55  
DG  "C2'" "H2''" sing N N 56  
DG  "C1'" N9     sing N N 57  
DG  "C1'" "H1'"  sing N N 58  
DG  N9    C8     sing Y N 59  
DG  N9    C4     sing Y N 60  
DG  C8    N7     doub Y N 61  
DG  C8    H8     sing N N 62  
DG  N7    C5     sing Y N 63  
DG  C5    C6     sing N N 64  
DG  C5    C4     doub Y N 65  
DG  C6    O6     doub N N 66  
DG  C6    N1     sing N N 67  
DG  N1    C2     sing N N 68  
DG  N1    H1     sing N N 69  
DG  C2    N2     sing N N 70  
DG  C2    N3     doub N N 71  
DG  N2    H21    sing N N 72  
DG  N2    H22    sing N N 73  
DG  N3    C4     sing N N 74  
DT  OP3   P      sing N N 75  
DT  OP3   HOP3   sing N N 76  
DT  P     OP1    doub N N 77  
DT  P     OP2    sing N N 78  
DT  P     "O5'"  sing N N 79  
DT  OP2   HOP2   sing N N 80  
DT  "O5'" "C5'"  sing N N 81  
DT  "C5'" "C4'"  sing N N 82  
DT  "C5'" "H5'"  sing N N 83  
DT  "C5'" "H5''" sing N N 84  
DT  "C4'" "O4'"  sing N N 85  
DT  "C4'" "C3'"  sing N N 86  
DT  "C4'" "H4'"  sing N N 87  
DT  "O4'" "C1'"  sing N N 88  
DT  "C3'" "O3'"  sing N N 89  
DT  "C3'" "C2'"  sing N N 90  
DT  "C3'" "H3'"  sing N N 91  
DT  "O3'" "HO3'" sing N N 92  
DT  "C2'" "C1'"  sing N N 93  
DT  "C2'" "H2'"  sing N N 94  
DT  "C2'" "H2''" sing N N 95  
DT  "C1'" N1     sing N N 96  
DT  "C1'" "H1'"  sing N N 97  
DT  N1    C2     sing N N 98  
DT  N1    C6     sing N N 99  
DT  C2    O2     doub N N 100 
DT  C2    N3     sing N N 101 
DT  N3    C4     sing N N 102 
DT  N3    H3     sing N N 103 
DT  C4    O4     doub N N 104 
DT  C4    C5     sing N N 105 
DT  C5    C7     sing N N 106 
DT  C5    C6     doub N N 107 
DT  C7    H71    sing N N 108 
DT  C7    H72    sing N N 109 
DT  C7    H73    sing N N 110 
DT  C6    H6     sing N N 111 
HOH O     H1     sing N N 112 
HOH O     H2     sing N N 113 
# 
loop_
_ndb_struct_conf_na.entry_id 
_ndb_struct_conf_na.feature 
1VT7 'a-form double helix'  
1VT7 'mismatched base pair' 
# 
loop_
_ndb_struct_na_base_pair.model_number 
_ndb_struct_na_base_pair.i_label_asym_id 
_ndb_struct_na_base_pair.i_label_comp_id 
_ndb_struct_na_base_pair.i_label_seq_id 
_ndb_struct_na_base_pair.i_symmetry 
_ndb_struct_na_base_pair.j_label_asym_id 
_ndb_struct_na_base_pair.j_label_comp_id 
_ndb_struct_na_base_pair.j_label_seq_id 
_ndb_struct_na_base_pair.j_symmetry 
_ndb_struct_na_base_pair.shear 
_ndb_struct_na_base_pair.stretch 
_ndb_struct_na_base_pair.stagger 
_ndb_struct_na_base_pair.buckle 
_ndb_struct_na_base_pair.propeller 
_ndb_struct_na_base_pair.opening 
_ndb_struct_na_base_pair.pair_number 
_ndb_struct_na_base_pair.pair_name 
_ndb_struct_na_base_pair.i_auth_asym_id 
_ndb_struct_na_base_pair.i_auth_seq_id 
_ndb_struct_na_base_pair.i_PDB_ins_code 
_ndb_struct_na_base_pair.j_auth_asym_id 
_ndb_struct_na_base_pair.j_auth_seq_id 
_ndb_struct_na_base_pair.j_PDB_ins_code 
_ndb_struct_na_base_pair.hbond_type_28 
_ndb_struct_na_base_pair.hbond_type_12 
1 A DG 1 1_555 B DC 8 1_555 -0.025 -0.108 -0.219 -5.037 -1.766  -1.152 1 A_DG1:DC16_B A 1 ? B 16 ? 19 1 
1 A DG 2 1_555 B DC 7 1_555 -0.105 -0.089 0.235  5.646  -3.684  -0.722 2 A_DG2:DC15_B A 2 ? B 15 ? 19 1 
1 A DG 3 1_555 B DC 6 1_555 0.088  -0.114 -0.007 -5.273 -12.063 -0.802 3 A_DG3:DC14_B A 3 ? B 14 ? 19 1 
1 A DT 4 1_555 B DG 5 1_555 2.335  -0.590 -0.151 0.966  -11.931 -2.039 4 A_DT4:DG13_B A 4 ? B 13 ? 28 1 
1 A DG 5 1_555 B DT 4 1_555 -2.269 -0.576 0.582  0.256  -12.792 -3.148 5 A_DG5:DT12_B A 5 ? B 12 ? 28 1 
1 A DC 6 1_555 B DG 3 1_555 0.168  -0.094 -0.228 9.465  -12.515 0.426  6 A_DC6:DG11_B A 6 ? B 11 ? 19 1 
1 A DC 7 1_555 B DG 2 1_555 0.118  -0.128 -0.249 6.199  -12.063 0.844  7 A_DC7:DG10_B A 7 ? B 10 ? 19 1 
1 A DC 8 1_555 B DG 1 1_555 0.067  -0.093 -0.068 3.266  -5.067  -0.987 8 A_DC8:DG9_B  A 8 ? B 9  ? 19 1 
# 
loop_
_ndb_struct_na_base_pair_step.model_number 
_ndb_struct_na_base_pair_step.i_label_asym_id_1 
_ndb_struct_na_base_pair_step.i_label_comp_id_1 
_ndb_struct_na_base_pair_step.i_label_seq_id_1 
_ndb_struct_na_base_pair_step.i_symmetry_1 
_ndb_struct_na_base_pair_step.j_label_asym_id_1 
_ndb_struct_na_base_pair_step.j_label_comp_id_1 
_ndb_struct_na_base_pair_step.j_label_seq_id_1 
_ndb_struct_na_base_pair_step.j_symmetry_1 
_ndb_struct_na_base_pair_step.i_label_asym_id_2 
_ndb_struct_na_base_pair_step.i_label_comp_id_2 
_ndb_struct_na_base_pair_step.i_label_seq_id_2 
_ndb_struct_na_base_pair_step.i_symmetry_2 
_ndb_struct_na_base_pair_step.j_label_asym_id_2 
_ndb_struct_na_base_pair_step.j_label_comp_id_2 
_ndb_struct_na_base_pair_step.j_label_seq_id_2 
_ndb_struct_na_base_pair_step.j_symmetry_2 
_ndb_struct_na_base_pair_step.shift 
_ndb_struct_na_base_pair_step.slide 
_ndb_struct_na_base_pair_step.rise 
_ndb_struct_na_base_pair_step.tilt 
_ndb_struct_na_base_pair_step.roll 
_ndb_struct_na_base_pair_step.twist 
_ndb_struct_na_base_pair_step.x_displacement 
_ndb_struct_na_base_pair_step.y_displacement 
_ndb_struct_na_base_pair_step.helical_rise 
_ndb_struct_na_base_pair_step.inclination 
_ndb_struct_na_base_pair_step.tip 
_ndb_struct_na_base_pair_step.helical_twist 
_ndb_struct_na_base_pair_step.step_number 
_ndb_struct_na_base_pair_step.step_name 
_ndb_struct_na_base_pair_step.i_auth_asym_id_1 
_ndb_struct_na_base_pair_step.i_auth_seq_id_1 
_ndb_struct_na_base_pair_step.i_PDB_ins_code_1 
_ndb_struct_na_base_pair_step.j_auth_asym_id_1 
_ndb_struct_na_base_pair_step.j_auth_seq_id_1 
_ndb_struct_na_base_pair_step.j_PDB_ins_code_1 
_ndb_struct_na_base_pair_step.i_auth_asym_id_2 
_ndb_struct_na_base_pair_step.i_auth_seq_id_2 
_ndb_struct_na_base_pair_step.i_PDB_ins_code_2 
_ndb_struct_na_base_pair_step.j_auth_asym_id_2 
_ndb_struct_na_base_pair_step.j_auth_seq_id_2 
_ndb_struct_na_base_pair_step.j_PDB_ins_code_2 
1 A DG 1 1_555 B DC 8 1_555 A DG 2 1_555 B DC 7 1_555 0.208  -1.567 3.073 -3.072 4.371  30.990 -3.633 -0.904 2.798 8.104  5.695  
31.436 1 AA_DG1DG2:DC15DC16_BB A 1 ? B 16 ? A 2 ? B 15 ? 
1 A DG 2 1_555 B DC 7 1_555 A DG 3 1_555 B DC 6 1_555 -0.368 -1.571 3.657 2.270  2.281  35.375 -2.943 0.968  3.523 3.744  -3.727 
35.516 2 AA_DG2DG3:DC14DC15_BB A 2 ? B 15 ? A 3 ? B 14 ? 
1 A DG 3 1_555 B DC 6 1_555 A DT 4 1_555 B DG 5 1_555 -0.134 -1.368 3.279 2.974  8.253  37.449 -3.063 0.559  2.906 12.643 -4.556 
38.427 3 AA_DG3DT4:DG13DC14_BB A 3 ? B 14 ? A 4 ? B 13 ? 
1 A DT 4 1_555 B DG 5 1_555 A DG 5 1_555 B DT 4 1_555 0.565  -1.668 2.919 -4.355 9.634  17.519 -7.909 -3.042 1.606 28.505 12.885 
20.441 4 AA_DT4DG5:DT12DG13_BB A 4 ? B 13 ? A 5 ? B 12 ? 
1 A DG 5 1_555 B DT 4 1_555 A DC 6 1_555 B DG 3 1_555 -0.116 -1.011 3.256 3.813  2.293  40.774 -1.690 0.575  3.174 3.280  -5.453 
41.006 5 AA_DG5DC6:DG11DT12_BB A 5 ? B 12 ? A 6 ? B 11 ? 
1 A DC 6 1_555 B DG 3 1_555 A DC 7 1_555 B DG 2 1_555 0.506  -1.945 3.266 2.618  11.332 30.539 -5.239 -0.489 2.442 20.599 -4.759 
32.630 6 AA_DC6DC7:DG10DG11_BB A 6 ? B 11 ? A 7 ? B 10 ? 
1 A DC 7 1_555 B DG 2 1_555 A DC 8 1_555 B DG 1 1_555 -0.041 -1.609 3.535 -1.000 6.135  28.310 -4.613 -0.146 3.123 12.354 2.013  
28.971 7 AA_DC7DC8:DG9DG10_BB  A 7 ? B 10 ? A 8 ? B 9  ? 
# 
_atom_sites.entry_id                    1VT7 
_atom_sites.fract_transf_matrix[1][1]   -0.00663498 
_atom_sites.fract_transf_matrix[1][2]   0.02062046 
_atom_sites.fract_transf_matrix[1][3]   -0.01309330 
_atom_sites.fract_transf_matrix[2][1]   0.01040297 
_atom_sites.fract_transf_matrix[2][2]   0.02239955 
_atom_sites.fract_transf_matrix[2][3]   0.00553943 
_atom_sites.fract_transf_matrix[3][1]   0.01791870 
_atom_sites.fract_transf_matrix[3][2]   -0.00437316 
_atom_sites.fract_transf_matrix[3][3]   -0.01596748 
_atom_sites.fract_transf_vector[1]      -0.042246 
_atom_sites.fract_transf_vector[2]      0.429939 
_atom_sites.fract_transf_vector[3]      -0.004335 
# 
loop_
_atom_type.symbol 
C 
N 
O 
P 
# 
loop_
_atom_site.group_PDB 
_atom_site.id 
_atom_site.type_symbol 
_atom_site.label_atom_id 
_atom_site.label_alt_id 
_atom_site.label_comp_id 
_atom_site.label_asym_id 
_atom_site.label_entity_id 
_atom_site.label_seq_id 
_atom_site.pdbx_PDB_ins_code 
_atom_site.Cartn_x 
_atom_site.Cartn_y 
_atom_site.Cartn_z 
_atom_site.occupancy 
_atom_site.B_iso_or_equiv 
_atom_site.pdbx_formal_charge 
_atom_site.auth_seq_id 
_atom_site.auth_comp_id 
_atom_site.auth_asym_id 
_atom_site.auth_atom_id 
_atom_site.pdbx_PDB_model_num 
ATOM   1   O "O5'" . DG  A 1 1 ? -2.534  2.950   14.433  1.00 36.79 ? 1  DG  A "O5'" 1 
ATOM   2   C "C5'" . DG  A 1 1 ? -3.577  1.944   14.334  1.00 36.97 ? 1  DG  A "C5'" 1 
ATOM   3   C "C4'" . DG  A 1 1 ? -4.649  2.360   13.354  1.00 36.24 ? 1  DG  A "C4'" 1 
ATOM   4   O "O4'" . DG  A 1 1 ? -4.468  3.771   13.102  1.00 35.94 ? 1  DG  A "O4'" 1 
ATOM   5   C "C3'" . DG  A 1 1 ? -4.617  1.755   11.965  1.00 36.40 ? 1  DG  A "C3'" 1 
ATOM   6   O "O3'" . DG  A 1 1 ? -5.209  0.452   11.846  1.00 36.87 ? 1  DG  A "O3'" 1 
ATOM   7   C "C2'" . DG  A 1 1 ? -5.419  2.775   11.168  1.00 35.69 ? 1  DG  A "C2'" 1 
ATOM   8   C "C1'" . DG  A 1 1 ? -4.915  4.056   11.777  1.00 34.44 ? 1  DG  A "C1'" 1 
ATOM   9   N N9    . DG  A 1 1 ? -3.840  4.683   10.997  1.00 33.58 ? 1  DG  A N9    1 
ATOM   10  C C8    . DG  A 1 1 ? -2.480  4.545   11.075  1.00 33.51 ? 1  DG  A C8    1 
ATOM   11  N N7    . DG  A 1 1 ? -1.833  5.285   10.209  1.00 33.08 ? 1  DG  A N7    1 
ATOM   12  C C5    . DG  A 1 1 ? -2.835  5.940   9.513   1.00 32.68 ? 1  DG  A C5    1 
ATOM   13  C C6    . DG  A 1 1 ? -2.755  6.870   8.453   1.00 32.72 ? 1  DG  A C6    1 
ATOM   14  O O6    . DG  A 1 1 ? -1.736  7.309   7.904   1.00 32.30 ? 1  DG  A O6    1 
ATOM   15  N N1    . DG  A 1 1 ? -4.015  7.291   8.037   1.00 31.99 ? 1  DG  A N1    1 
ATOM   16  C C2    . DG  A 1 1 ? -5.204  6.868   8.584   1.00 32.02 ? 1  DG  A C2    1 
ATOM   17  N N2    . DG  A 1 1 ? -6.328  7.377   8.061   1.00 32.18 ? 1  DG  A N2    1 
ATOM   18  N N3    . DG  A 1 1 ? -5.296  6.001   9.572   1.00 32.82 ? 1  DG  A N3    1 
ATOM   19  C C4    . DG  A 1 1 ? -4.073  5.583   9.980   1.00 32.77 ? 1  DG  A C4    1 
ATOM   20  P P     . DG  A 1 2 ? -5.345  -0.045  10.302  1.00 37.77 ? 2  DG  A P     1 
ATOM   21  O OP1   . DG  A 1 2 ? -5.619  -1.497  10.316  1.00 37.25 ? 2  DG  A OP1   1 
ATOM   22  O OP2   . DG  A 1 2 ? -4.118  0.387   9.574   1.00 36.68 ? 2  DG  A OP2   1 
ATOM   23  O "O5'" . DG  A 1 2 ? -6.629  0.794   9.807   1.00 35.18 ? 2  DG  A "O5'" 1 
ATOM   24  C "C5'" . DG  A 1 2 ? -7.475  0.226   8.783   1.00 32.52 ? 2  DG  A "C5'" 1 
ATOM   25  C "C4'" . DG  A 1 2 ? -8.048  1.322   7.920   1.00 30.45 ? 2  DG  A "C4'" 1 
ATOM   26  O "O4'" . DG  A 1 2 ? -7.387  2.561   8.223   1.00 29.40 ? 2  DG  A "O4'" 1 
ATOM   27  C "C3'" . DG  A 1 2 ? -7.868  1.135   6.426   1.00 29.63 ? 2  DG  A "C3'" 1 
ATOM   28  O "O3'" . DG  A 1 2 ? -8.793  0.228   5.818   1.00 30.19 ? 2  DG  A "O3'" 1 
ATOM   29  C "C2'" . DG  A 1 2 ? -7.932  2.559   5.915   1.00 28.55 ? 2  DG  A "C2'" 1 
ATOM   30  C "C1'" . DG  A 1 2 ? -7.288  3.359   7.031   1.00 26.84 ? 2  DG  A "C1'" 1 
ATOM   31  N N9    . DG  A 1 2 ? -5.866  3.664   6.791   1.00 25.95 ? 2  DG  A N9    1 
ATOM   32  C C8    . DG  A 1 2 ? -4.769  3.113   7.407   1.00 25.45 ? 2  DG  A C8    1 
ATOM   33  N N7    . DG  A 1 2 ? -3.637  3.589   6.971   1.00 25.27 ? 2  DG  A N7    1 
ATOM   34  C C5    . DG  A 1 2 ? -4.004  4.509   5.994   1.00 25.00 ? 2  DG  A C5    1 
ATOM   35  C C6    . DG  A 1 2 ? -3.196  5.328   5.172   1.00 24.74 ? 2  DG  A C6    1 
ATOM   36  O O6    . DG  A 1 2 ? -1.963  5.415   5.142   1.00 24.36 ? 2  DG  A O6    1 
ATOM   37  N N1    . DG  A 1 2 ? -3.961  6.119   4.316   1.00 24.30 ? 2  DG  A N1    1 
ATOM   38  C C2    . DG  A 1 2 ? -5.334  6.100   4.278   1.00 24.72 ? 2  DG  A C2    1 
ATOM   39  N N2    . DG  A 1 2 ? -5.917  6.928   3.397   1.00 24.73 ? 2  DG  A N2    1 
ATOM   40  N N3    . DG  A 1 2 ? -6.106  5.334   5.036   1.00 25.11 ? 2  DG  A N3    1 
ATOM   41  C C4    . DG  A 1 2 ? -5.372  4.563   5.871   1.00 25.12 ? 2  DG  A C4    1 
ATOM   42  P P     . DG  A 1 3 ? -8.356  -0.451  4.421   1.00 32.06 ? 3  DG  A P     1 
ATOM   43  O OP1   . DG  A 1 3 ? -9.252  -1.524  3.942   1.00 31.11 ? 3  DG  A OP1   1 
ATOM   44  O OP2   . DG  A 1 3 ? -6.905  -0.815  4.535   1.00 30.70 ? 3  DG  A OP2   1 
ATOM   45  O "O5'" . DG  A 1 3 ? -8.477  0.780   3.405   1.00 30.39 ? 3  DG  A "O5'" 1 
ATOM   46  C "C5'" . DG  A 1 3 ? -9.739  1.465   3.260   1.00 29.50 ? 3  DG  A "C5'" 1 
ATOM   47  C "C4'" . DG  A 1 3 ? -9.573  2.447   2.118   1.00 28.60 ? 3  DG  A "C4'" 1 
ATOM   48  O "O4'" . DG  A 1 3 ? -8.732  3.524   2.555   1.00 28.35 ? 3  DG  A "O4'" 1 
ATOM   49  C "C3'" . DG  A 1 3 ? -8.894  1.889   0.879   1.00 27.99 ? 3  DG  A "C3'" 1 
ATOM   50  O "O3'" . DG  A 1 3 ? -9.853  1.228   0.027   1.00 27.78 ? 3  DG  A "O3'" 1 
ATOM   51  C "C2'" . DG  A 1 3 ? -8.361  3.165   0.244   1.00 27.57 ? 3  DG  A "C2'" 1 
ATOM   52  C "C1'" . DG  A 1 3 ? -7.907  3.949   1.454   1.00 26.44 ? 3  DG  A "C1'" 1 
ATOM   53  N N9    . DG  A 1 3 ? -6.521  3.593   1.842   1.00 25.68 ? 3  DG  A N9    1 
ATOM   54  C C8    . DG  A 1 3 ? -6.111  2.673   2.773   1.00 25.53 ? 3  DG  A C8    1 
ATOM   55  N N7    . DG  A 1 3 ? -4.815  2.582   2.874   1.00 25.30 ? 3  DG  A N7    1 
ATOM   56  C C5    . DG  A 1 3 ? -4.339  3.497   1.943   1.00 24.80 ? 3  DG  A C5    1 
ATOM   57  C C6    . DG  A 1 3 ? -3.015  3.841   1.600   1.00 24.52 ? 3  DG  A C6    1 
ATOM   58  O O6    . DG  A 1 3 ? -1.978  3.383   2.087   1.00 24.18 ? 3  DG  A O6    1 
ATOM   59  N N1    . DG  A 1 3 ? -2.978  4.812   0.606   1.00 23.82 ? 3  DG  A N1    1 
ATOM   60  C C2    . DG  A 1 3 ? -4.078  5.377   0.023   1.00 24.30 ? 3  DG  A C2    1 
ATOM   61  N N2    . DG  A 1 3 ? -3.852  6.300   -0.922  1.00 24.28 ? 3  DG  A N2    1 
ATOM   62  N N3    . DG  A 1 3 ? -5.327  5.068   0.335   1.00 25.18 ? 3  DG  A N3    1 
ATOM   63  C C4    . DG  A 1 3 ? -5.376  4.124   1.302   1.00 24.61 ? 3  DG  A C4    1 
ATOM   64  P P     . DT  A 1 4 ? -9.301  0.258   -1.116  1.00 27.61 ? 4  DT  A P     1 
ATOM   65  O OP1   . DT  A 1 4 ? -10.415 0.012   -2.054  1.00 28.13 ? 4  DT  A OP1   1 
ATOM   66  O OP2   . DT  A 1 4 ? -8.624  -0.897  -0.491  1.00 27.80 ? 4  DT  A OP2   1 
ATOM   67  O "O5'" . DT  A 1 4 ? -8.204  1.128   -1.890  1.00 26.44 ? 4  DT  A "O5'" 1 
ATOM   68  C "C5'" . DT  A 1 4 ? -8.717  1.823   -3.050  1.00 25.52 ? 4  DT  A "C5'" 1 
ATOM   69  C "C4'" . DT  A 1 4 ? -7.527  2.425   -3.765  1.00 24.35 ? 4  DT  A "C4'" 1 
ATOM   70  O "O4'" . DT  A 1 4 ? -6.678  2.999   -2.751  1.00 23.34 ? 4  DT  A "O4'" 1 
ATOM   71  C "C3'" . DT  A 1 4 ? -6.646  1.404   -4.468  1.00 23.76 ? 4  DT  A "C3'" 1 
ATOM   72  O "O3'" . DT  A 1 4 ? -7.146  1.120   -5.792  1.00 23.51 ? 4  DT  A "O3'" 1 
ATOM   73  C "C2'" . DT  A 1 4 ? -5.311  2.126   -4.496  1.00 23.37 ? 4  DT  A "C2'" 1 
ATOM   74  C "C1'" . DT  A 1 4 ? -5.325  2.870   -3.181  1.00 22.43 ? 4  DT  A "C1'" 1 
ATOM   75  N N1    . DT  A 1 4 ? -4.551  2.196   -2.129  1.00 22.24 ? 4  DT  A N1    1 
ATOM   76  C C2    . DT  A 1 4 ? -3.203  2.478   -2.047  1.00 21.84 ? 4  DT  A C2    1 
ATOM   77  O O2    . DT  A 1 4 ? -2.714  3.262   -2.832  1.00 22.12 ? 4  DT  A O2    1 
ATOM   78  N N3    . DT  A 1 4 ? -2.529  1.837   -1.045  1.00 21.51 ? 4  DT  A N3    1 
ATOM   79  C C4    . DT  A 1 4 ? -3.059  0.940   -0.142  1.00 22.12 ? 4  DT  A C4    1 
ATOM   80  O O4    . DT  A 1 4 ? -2.361  0.406   0.725   1.00 21.67 ? 4  DT  A O4    1 
ATOM   81  C C5    . DT  A 1 4 ? -4.470  0.692   -0.292  1.00 22.17 ? 4  DT  A C5    1 
ATOM   82  C C7    . DT  A 1 4 ? -5.164  -0.260  0.631   1.00 22.02 ? 4  DT  A C7    1 
ATOM   83  C C6    . DT  A 1 4 ? -5.149  1.313   -1.262  1.00 22.24 ? 4  DT  A C6    1 
ATOM   84  P P     . DG  A 1 5 ? -6.552  -0.199  -6.468  1.00 24.03 ? 5  DG  A P     1 
ATOM   85  O OP1   . DG  A 1 5 ? -7.287  -0.464  -7.734  1.00 23.98 ? 5  DG  A OP1   1 
ATOM   86  O OP2   . DG  A 1 5 ? -6.440  -1.191  -5.375  1.00 23.09 ? 5  DG  A OP2   1 
ATOM   87  O "O5'" . DG  A 1 5 ? -5.090  0.215   -6.970  1.00 23.09 ? 5  DG  A "O5'" 1 
ATOM   88  C "C5'" . DG  A 1 5 ? -5.000  0.869   -8.268  1.00 21.30 ? 5  DG  A "C5'" 1 
ATOM   89  C "C4'" . DG  A 1 5 ? -3.553  1.315   -8.345  1.00 20.27 ? 5  DG  A "C4'" 1 
ATOM   90  O "O4'" . DG  A 1 5 ? -3.243  1.840   -7.026  1.00 20.44 ? 5  DG  A "O4'" 1 
ATOM   91  C "C3'" . DG  A 1 5 ? -2.542  0.172   -8.458  1.00 19.96 ? 5  DG  A "C3'" 1 
ATOM   92  O "O3'" . DG  A 1 5 ? -2.403  -0.263  -9.815  1.00 20.42 ? 5  DG  A "O3'" 1 
ATOM   93  C "C2'" . DG  A 1 5 ? -1.283  0.906   -8.015  1.00 20.08 ? 5  DG  A "C2'" 1 
ATOM   94  C "C1'" . DG  A 1 5 ? -1.835  1.684   -6.838  1.00 20.33 ? 5  DG  A "C1'" 1 
ATOM   95  N N9    . DG  A 1 5 ? -1.570  0.961   -5.585  1.00 20.72 ? 5  DG  A N9    1 
ATOM   96  C C8    . DG  A 1 5 ? -2.411  0.312   -4.722  1.00 20.42 ? 5  DG  A C8    1 
ATOM   97  N N7    . DG  A 1 5 ? -1.790  -0.211  -3.699  1.00 20.53 ? 5  DG  A N7    1 
ATOM   98  C C5    . DG  A 1 5 ? -0.454  0.104   -3.910  1.00 20.51 ? 5  DG  A C5    1 
ATOM   99  C C6    . DG  A 1 5 ? 0.698   -0.201  -3.141  1.00 20.82 ? 5  DG  A C6    1 
ATOM   100 O O6    . DG  A 1 5 ? 0.698   -0.836  -2.071  1.00 21.05 ? 5  DG  A O6    1 
ATOM   101 N N1    . DG  A 1 5 ? 1.863   0.303   -3.718  1.00 20.31 ? 5  DG  A N1    1 
ATOM   102 C C2    . DG  A 1 5 ? 1.907   1.017   -4.884  1.00 20.34 ? 5  DG  A C2    1 
ATOM   103 N N2    . DG  A 1 5 ? 3.086   1.453   -5.343  1.00 20.32 ? 5  DG  A N2    1 
ATOM   104 N N3    . DG  A 1 5 ? 0.838   1.305   -5.614  1.00 20.72 ? 5  DG  A N3    1 
ATOM   105 C C4    . DG  A 1 5 ? -0.298  0.822   -5.065  1.00 20.48 ? 5  DG  A C4    1 
ATOM   106 P P     . DC  A 1 6 ? -2.310  -1.815  -10.139 1.00 20.37 ? 6  DC  A P     1 
ATOM   107 O OP1   . DC  A 1 6 ? -2.780  -1.923  -11.545 1.00 20.93 ? 6  DC  A OP1   1 
ATOM   108 O OP2   . DC  A 1 6 ? -3.084  -2.575  -9.127  1.00 20.48 ? 6  DC  A OP2   1 
ATOM   109 O "O5'" . DC  A 1 6 ? -0.758  -2.132  -9.982  1.00 19.35 ? 6  DC  A "O5'" 1 
ATOM   110 C "C5'" . DC  A 1 6 ? 0.126   -1.473  -10.912 1.00 18.73 ? 6  DC  A "C5'" 1 
ATOM   111 C "C4'" . DC  A 1 6 ? 1.500   -1.519  -10.291 1.00 18.58 ? 6  DC  A "C4'" 1 
ATOM   112 O "O4'" . DC  A 1 6 ? 1.454   -0.809  -9.034  1.00 18.14 ? 6  DC  A "O4'" 1 
ATOM   113 C "C3'" . DC  A 1 6 ? 1.953   -2.919  -9.869  1.00 18.35 ? 6  DC  A "C3'" 1 
ATOM   114 O "O3'" . DC  A 1 6 ? 2.312   -3.731  -10.978 1.00 19.44 ? 6  DC  A "O3'" 1 
ATOM   115 C "C2'" . DC  A 1 6 ? 3.124   -2.497  -8.989  1.00 18.45 ? 6  DC  A "C2'" 1 
ATOM   116 C "C1'" . DC  A 1 6 ? 2.420   -1.429  -8.162  1.00 17.94 ? 6  DC  A "C1'" 1 
ATOM   117 N N1    . DC  A 1 6 ? 1.717   -2.013  -7.007  1.00 17.57 ? 6  DC  A N1    1 
ATOM   118 C C2    . DC  A 1 6 ? 2.467   -2.245  -5.851  1.00 17.52 ? 6  DC  A C2    1 
ATOM   119 O O2    . DC  A 1 6 ? 3.660   -1.947  -5.871  1.00 18.26 ? 6  DC  A O2    1 
ATOM   120 N N3    . DC  A 1 6 ? 1.856   -2.765  -4.771  1.00 18.05 ? 6  DC  A N3    1 
ATOM   121 C C4    . DC  A 1 6 ? 0.556   -3.072  -4.819  1.00 18.22 ? 6  DC  A C4    1 
ATOM   122 N N4    . DC  A 1 6 ? 0.003   -3.601  -3.721  1.00 18.25 ? 6  DC  A N4    1 
ATOM   123 C C5    . DC  A 1 6 ? -0.220  -2.852  -5.988  1.00 17.78 ? 6  DC  A C5    1 
ATOM   124 C C6    . DC  A 1 6 ? 0.397   -2.326  -7.054  1.00 18.18 ? 6  DC  A C6    1 
ATOM   125 P P     . DC  A 1 7 ? 2.387   -5.313  -11.024 1.00 19.22 ? 7  DC  A P     1 
ATOM   126 O OP1   . DC  A 1 7 ? 3.082   -5.663  -12.302 1.00 19.53 ? 7  DC  A OP1   1 
ATOM   127 O OP2   . DC  A 1 7 ? 1.071   -5.926  -10.804 1.00 19.20 ? 7  DC  A OP2   1 
ATOM   128 O "O5'" . DC  A 1 7 ? 3.439   -5.630  -9.857  1.00 19.39 ? 7  DC  A "O5'" 1 
ATOM   129 C "C5'" . DC  A 1 7 ? 4.834   -5.558  -10.259 1.00 19.45 ? 7  DC  A "C5'" 1 
ATOM   130 C "C4'" . DC  A 1 7 ? 5.624   -5.974  -9.032  1.00 20.31 ? 7  DC  A "C4'" 1 
ATOM   131 O "O4'" . DC  A 1 7 ? 5.058   -5.212  -7.943  1.00 20.14 ? 7  DC  A "O4'" 1 
ATOM   132 C "C3'" . DC  A 1 7 ? 5.399   -7.417  -8.571  1.00 20.71 ? 7  DC  A "C3'" 1 
ATOM   133 O "O3'" . DC  A 1 7 ? 6.201   -8.337  -9.334  1.00 22.50 ? 7  DC  A "O3'" 1 
ATOM   134 C "C2'" . DC  A 1 7 ? 5.859   -7.294  -7.136  1.00 20.38 ? 7  DC  A "C2'" 1 
ATOM   135 C "C1'" . DC  A 1 7 ? 5.295   -5.946  -6.742  1.00 20.22 ? 7  DC  A "C1'" 1 
ATOM   136 N N1    . DC  A 1 7 ? 4.019   -6.097  -6.022  1.00 20.28 ? 7  DC  A N1    1 
ATOM   137 C C2    . DC  A 1 7 ? 4.103   -6.415  -4.664  1.00 20.75 ? 7  DC  A C2    1 
ATOM   138 O O2    . DC  A 1 7 ? 5.227   -6.517  -4.156  1.00 20.82 ? 7  DC  A O2    1 
ATOM   139 N N3    . DC  A 1 7 ? 2.957   -6.579  -3.975  1.00 21.17 ? 7  DC  A N3    1 
ATOM   140 C C4    . DC  A 1 7 ? 1.778   -6.444  -4.585  1.00 20.74 ? 7  DC  A C4    1 
ATOM   141 N N4    . DC  A 1 7 ? 0.686   -6.622  -3.837  1.00 20.66 ? 7  DC  A N4    1 
ATOM   142 C C5    . DC  A 1 7 ? 1.692   -6.137  -5.968  1.00 20.54 ? 7  DC  A C5    1 
ATOM   143 C C6    . DC  A 1 7 ? 2.822   -5.980  -6.652  1.00 20.55 ? 7  DC  A C6    1 
ATOM   144 P P     . DC  A 1 8 ? 5.660   -9.793  -9.688  1.00 22.89 ? 8  DC  A P     1 
ATOM   145 O OP1   . DC  A 1 8 ? 6.471   -10.285 -10.828 1.00 24.21 ? 8  DC  A OP1   1 
ATOM   146 O OP2   . DC  A 1 8 ? 4.197   -9.788  -9.810  1.00 23.52 ? 8  DC  A OP2   1 
ATOM   147 O "O5'" . DC  A 1 8 ? 6.096   -10.674 -8.424  1.00 22.34 ? 8  DC  A "O5'" 1 
ATOM   148 C "C5'" . DC  A 1 8 ? 7.503   -10.523 -8.083  1.00 19.90 ? 8  DC  A "C5'" 1 
ATOM   149 C "C4'" . DC  A 1 8 ? 7.576   -10.990 -6.640  1.00 19.29 ? 8  DC  A "C4'" 1 
ATOM   150 O "O4'" . DC  A 1 8 ? 6.774   -10.078 -5.860  1.00 18.67 ? 8  DC  A "O4'" 1 
ATOM   151 C "C3'" . DC  A 1 8 ? 6.877   -12.329 -6.393  1.00 18.57 ? 8  DC  A "C3'" 1 
ATOM   152 O "O3'" . DC  A 1 8 ? 7.719   -13.432 -6.769  1.00 19.23 ? 8  DC  A "O3'" 1 
ATOM   153 C "C2'" . DC  A 1 8 ? 6.649   -12.241 -4.894  1.00 18.00 ? 8  DC  A "C2'" 1 
ATOM   154 C "C1'" . DC  A 1 8 ? 6.300   -10.781 -4.710  1.00 17.45 ? 8  DC  A "C1'" 1 
ATOM   155 N N1    . DC  A 1 8 ? 4.857   -10.561 -4.555  1.00 17.29 ? 8  DC  A N1    1 
ATOM   156 C C2    . DC  A 1 8 ? 4.284   -10.834 -3.307  1.00 17.16 ? 8  DC  A C2    1 
ATOM   157 O O2    . DC  A 1 8 ? 5.030   -11.235 -2.404  1.00 17.25 ? 8  DC  A O2    1 
ATOM   158 N N3    . DC  A 1 8 ? 2.957   -10.652 -3.142  1.00 17.38 ? 8  DC  A N3    1 
ATOM   159 C C4    . DC  A 1 8 ? 2.212   -10.216 -4.154  1.00 17.10 ? 8  DC  A C4    1 
ATOM   160 N N4    . DC  A 1 8 ? 0.907   -10.046 -3.943  1.00 16.90 ? 8  DC  A N4    1 
ATOM   161 C C5    . DC  A 1 8 ? 2.785   -9.942  -5.433  1.00 17.07 ? 8  DC  A C5    1 
ATOM   162 C C6    . DC  A 1 8 ? 4.096   -10.128 -5.596  1.00 16.90 ? 8  DC  A C6    1 
ATOM   163 O "O5'" . DG  B 1 1 ? -2.760  -11.046 6.262   1.00 18.40 ? 9  DG  B "O5'" 1 
ATOM   164 C "C5'" . DG  B 1 1 ? -2.446  -12.379 5.829   1.00 18.74 ? 9  DG  B "C5'" 1 
ATOM   165 C "C4'" . DG  B 1 1 ? -0.942  -12.554 5.860   1.00 19.14 ? 9  DG  B "C4'" 1 
ATOM   166 O "O4'" . DG  B 1 1 ? -0.598  -13.471 4.808   1.00 18.95 ? 9  DG  B "O4'" 1 
ATOM   167 C "C3'" . DG  B 1 1 ? -0.118  -11.309 5.593   1.00 19.87 ? 9  DG  B "C3'" 1 
ATOM   168 O "O3'" . DG  B 1 1 ? 0.193   -10.586 6.803   1.00 20.51 ? 9  DG  B "O3'" 1 
ATOM   169 C "C2'" . DG  B 1 1 ? 1.138   -11.891 4.957   1.00 19.61 ? 9  DG  B "C2'" 1 
ATOM   170 C "C1'" . DG  B 1 1 ? 0.525   -12.967 4.075   1.00 18.54 ? 9  DG  B "C1'" 1 
ATOM   171 N N9    . DG  B 1 1 ? 0.003   -12.369 2.831   1.00 18.45 ? 9  DG  B N9    1 
ATOM   172 C C8    . DG  B 1 1 ? -1.276  -11.953 2.561   1.00 18.93 ? 9  DG  B C8    1 
ATOM   173 N N7    . DG  B 1 1 ? -1.407  -11.441 1.364   1.00 18.85 ? 9  DG  B N7    1 
ATOM   174 C C5    . DG  B 1 1 ? -0.132  -11.510 0.823   1.00 18.21 ? 9  DG  B C5    1 
ATOM   175 C C6    . DG  B 1 1 ? 0.331   -11.114 -0.445  1.00 18.48 ? 9  DG  B C6    1 
ATOM   176 O O6    . DG  B 1 1 ? -0.312  -10.595 -1.365  1.00 18.69 ? 9  DG  B O6    1 
ATOM   177 N N1    . DG  B 1 1 ? 1.693   -11.354 -0.597  1.00 18.13 ? 9  DG  B N1    1 
ATOM   178 C C2    . DG  B 1 1 ? 2.487   -11.926 0.362   1.00 18.15 ? 9  DG  B C2    1 
ATOM   179 N N2    . DG  B 1 1 ? 3.775   -12.091 0.037   1.00 18.43 ? 9  DG  B N2    1 
ATOM   180 N N3    . DG  B 1 1 ? 2.070   -12.312 1.553   1.00 18.47 ? 9  DG  B N3    1 
ATOM   181 C C4    . DG  B 1 1 ? 0.748   -12.072 1.714   1.00 18.56 ? 9  DG  B C4    1 
ATOM   182 P P     . DG  B 1 2 ? 0.666   -9.065  6.622   1.00 21.92 ? 10 DG  B P     1 
ATOM   183 O OP1   . DG  B 1 2 ? 0.793   -8.517  7.999   1.00 21.92 ? 10 DG  B OP1   1 
ATOM   184 O OP2   . DG  B 1 2 ? -0.331  -8.321  5.831   1.00 21.85 ? 10 DG  B OP2   1 
ATOM   185 O "O5'" . DG  B 1 2 ? 2.035   -9.155  5.803   1.00 20.96 ? 10 DG  B "O5'" 1 
ATOM   186 C "C5'" . DG  B 1 2 ? 3.285   -9.351  6.508   1.00 21.52 ? 10 DG  B "C5'" 1 
ATOM   187 C "C4'" . DG  B 1 2 ? 4.419   -9.364  5.510   1.00 21.37 ? 10 DG  B "C4'" 1 
ATOM   188 O "O4'" . DG  B 1 2 ? 3.975   -10.142 4.386   1.00 22.22 ? 10 DG  B "O4'" 1 
ATOM   189 C "C3'" . DG  B 1 2 ? 4.865   -8.041  4.923   1.00 21.74 ? 10 DG  B "C3'" 1 
ATOM   190 O "O3'" . DG  B 1 2 ? 5.853   -7.353  5.718   1.00 21.88 ? 10 DG  B "O3'" 1 
ATOM   191 C "C2'" . DG  B 1 2 ? 5.440   -8.458  3.578   1.00 21.92 ? 10 DG  B "C2'" 1 
ATOM   192 C "C1'" . DG  B 1 2 ? 4.493   -9.568  3.182   1.00 22.09 ? 10 DG  B "C1'" 1 
ATOM   193 N N9    . DG  B 1 2 ? 3.355   -9.054  2.397   1.00 22.26 ? 10 DG  B N9    1 
ATOM   194 C C8    . DG  B 1 2 ? 2.042   -8.905  2.762   1.00 22.63 ? 10 DG  B C8    1 
ATOM   195 N N7    . DG  B 1 2 ? 1.292   -8.411  1.811   1.00 22.28 ? 10 DG  B N7    1 
ATOM   196 C C5    . DG  B 1 2 ? 2.169   -8.214  0.755   1.00 22.12 ? 10 DG  B C5    1 
ATOM   197 C C6    . DG  B 1 2 ? 1.934   -7.692  -0.535  1.00 22.31 ? 10 DG  B C6    1 
ATOM   198 O O6    . DG  B 1 2 ? 0.858   -7.308  -1.009  1.00 22.48 ? 10 DG  B O6    1 
ATOM   199 N N1    . DG  B 1 2 ? 3.094   -7.656  -1.303  1.00 21.97 ? 10 DG  B N1    1 
ATOM   200 C C2    . DG  B 1 2 ? 4.327   -8.073  -0.851  1.00 22.05 ? 10 DG  B C2    1 
ATOM   201 N N2    . DG  B 1 2 ? 5.336   -7.958  -1.730  1.00 21.73 ? 10 DG  B N2    1 
ATOM   202 N N3    . DG  B 1 2 ? 4.569   -8.559  0.348   1.00 22.38 ? 10 DG  B N3    1 
ATOM   203 C C4    . DG  B 1 2 ? 3.442   -8.600  1.098   1.00 22.56 ? 10 DG  B C4    1 
ATOM   204 P P     . DG  B 1 3 ? 5.764   -5.734  5.657   1.00 22.36 ? 11 DG  B P     1 
ATOM   205 O OP1   . DG  B 1 3 ? 6.504   -5.178  6.805   1.00 22.18 ? 11 DG  B OP1   1 
ATOM   206 O OP2   . DG  B 1 3 ? 4.369   -5.285  5.521   1.00 21.49 ? 11 DG  B OP2   1 
ATOM   207 O "O5'" . DG  B 1 3 ? 6.517   -5.495  4.269   1.00 21.52 ? 11 DG  B "O5'" 1 
ATOM   208 C "C5'" . DG  B 1 3 ? 7.815   -6.073  4.006   1.00 19.73 ? 11 DG  B "C5'" 1 
ATOM   209 C "C4'" . DG  B 1 3 ? 8.237   -5.497  2.675   1.00 19.47 ? 11 DG  B "C4'" 1 
ATOM   210 O "O4'" . DG  B 1 3 ? 7.494   -6.119  1.615   1.00 19.03 ? 11 DG  B "O4'" 1 
ATOM   211 C "C3'" . DG  B 1 3 ? 7.959   -4.005  2.524   1.00 19.37 ? 11 DG  B "C3'" 1 
ATOM   212 O "O3'" . DG  B 1 3 ? 9.044   -3.247  3.069   1.00 21.00 ? 11 DG  B "O3'" 1 
ATOM   213 C "C2'" . DG  B 1 3 ? 7.896   -3.854  1.021   1.00 19.13 ? 11 DG  B "C2'" 1 
ATOM   214 C "C1'" . DG  B 1 3 ? 7.235   -5.146  0.590   1.00 18.08 ? 11 DG  B "C1'" 1 
ATOM   215 N N9    . DG  B 1 3 ? 5.780   -5.005  0.421   1.00 17.50 ? 11 DG  B N9    1 
ATOM   216 C C8    . DG  B 1 3 ? 4.780   -5.316  1.300   1.00 17.30 ? 11 DG  B C8    1 
ATOM   217 N N7    . DG  B 1 3 ? 3.591   -5.077  0.835   1.00 17.80 ? 11 DG  B N7    1 
ATOM   218 C C5    . DG  B 1 3 ? 3.806   -4.561  -0.431  1.00 17.53 ? 11 DG  B C5    1 
ATOM   219 C C6    . DG  B 1 3 ? 2.884   -4.118  -1.406  1.00 17.66 ? 11 DG  B C6    1 
ATOM   220 O O6    . DG  B 1 3 ? 1.641   -4.099  -1.334  1.00 17.66 ? 11 DG  B O6    1 
ATOM   221 N N1    . DG  B 1 3 ? 3.526   -3.668  -2.557  1.00 17.52 ? 11 DG  B N1    1 
ATOM   222 C C2    . DG  B 1 3 ? 4.883   -3.663  -2.726  1.00 17.58 ? 11 DG  B C2    1 
ATOM   223 N N2    . DG  B 1 3 ? 5.341   -3.202  -3.897  1.00 17.82 ? 11 DG  B N2    1 
ATOM   224 N N3    . DG  B 1 3 ? 5.769   -4.068  -1.827  1.00 17.63 ? 11 DG  B N3    1 
ATOM   225 C C4    . DG  B 1 3 ? 5.156   -4.505  -0.699  1.00 17.69 ? 11 DG  B C4    1 
ATOM   226 P P     . DT  B 1 4 ? 8.901   -1.712  3.359   1.00 23.01 ? 12 DT  B P     1 
ATOM   227 O OP1   . DT  B 1 4 ? 10.266  -1.172  3.685   1.00 23.62 ? 12 DT  B OP1   1 
ATOM   228 O OP2   . DT  B 1 4 ? 7.938   -1.461  4.478   1.00 23.77 ? 12 DT  B OP2   1 
ATOM   229 O "O5'" . DT  B 1 4 ? 8.404   -1.029  2.015   1.00 22.20 ? 12 DT  B "O5'" 1 
ATOM   230 C "C5'" . DT  B 1 4 ? 9.424   -0.448  1.166   1.00 22.45 ? 12 DT  B "C5'" 1 
ATOM   231 C "C4'" . DT  B 1 4 ? 8.717   0.012   -0.088  1.00 22.47 ? 12 DT  B "C4'" 1 
ATOM   232 O "O4'" . DT  B 1 4 ? 7.708   -0.983  -0.364  1.00 22.74 ? 12 DT  B "O4'" 1 
ATOM   233 C "C3'" . DT  B 1 4 ? 7.947   1.319   0.024   1.00 22.65 ? 12 DT  B "C3'" 1 
ATOM   234 O "O3'" . DT  B 1 4 ? 8.794   2.429   -0.330  1.00 24.36 ? 12 DT  B "O3'" 1 
ATOM   235 C "C2'" . DT  B 1 4 ? 6.898   1.146   -1.061  1.00 22.18 ? 12 DT  B "C2'" 1 
ATOM   236 C "C1'" . DT  B 1 4 ? 6.625   -0.336  -1.019  1.00 21.84 ? 12 DT  B "C1'" 1 
ATOM   237 N N1    . DT  B 1 4 ? 5.363   -0.612  -0.310  1.00 21.12 ? 12 DT  B N1    1 
ATOM   238 C C2    . DT  B 1 4 ? 4.198   -0.388  -1.016  1.00 21.32 ? 12 DT  B C2    1 
ATOM   239 O O2    . DT  B 1 4 ? 4.232   0.022   -2.161  1.00 21.24 ? 12 DT  B O2    1 
ATOM   240 N N3    . DT  B 1 4 ? 3.044   -0.667  -0.337  1.00 21.15 ? 12 DT  B N3    1 
ATOM   241 C C4    . DT  B 1 4 ? 2.959   -1.128  0.965   1.00 21.68 ? 12 DT  B C4    1 
ATOM   242 O O4    . DT  B 1 4 ? 1.861   -1.322  1.484   1.00 21.68 ? 12 DT  B O4    1 
ATOM   243 C C5    . DT  B 1 4 ? 4.221   -1.322  1.634   1.00 21.28 ? 12 DT  B C5    1 
ATOM   244 C C7    . DT  B 1 4 ? 4.245   -1.828  3.039   1.00 21.33 ? 12 DT  B C7    1 
ATOM   245 C C6    . DT  B 1 4 ? 5.359   -1.065  0.986   1.00 21.03 ? 12 DT  B C6    1 
ATOM   246 P P     . DG  B 1 5 ? 8.406   3.900   0.152   1.00 26.08 ? 13 DG  B P     1 
ATOM   247 O OP1   . DG  B 1 5 ? 9.706   4.646   0.110   1.00 25.39 ? 13 DG  B OP1   1 
ATOM   248 O OP2   . DG  B 1 5 ? 7.673   3.804   1.449   1.00 25.18 ? 13 DG  B OP2   1 
ATOM   249 O "O5'" . DG  B 1 5 ? 7.430   4.486   -0.959  1.00 24.20 ? 13 DG  B "O5'" 1 
ATOM   250 C "C5'" . DG  B 1 5 ? 8.046   5.329   -1.952  1.00 24.22 ? 13 DG  B "C5'" 1 
ATOM   251 C "C4'" . DG  B 1 5 ? 6.994   5.678   -2.977  1.00 23.68 ? 13 DG  B "C4'" 1 
ATOM   252 O "O4'" . DG  B 1 5 ? 6.292   4.463   -3.282  1.00 23.78 ? 13 DG  B "O4'" 1 
ATOM   253 C "C3'" . DG  B 1 5 ? 5.890   6.613   -2.481  1.00 24.25 ? 13 DG  B "C3'" 1 
ATOM   254 O "O3'" . DG  B 1 5 ? 6.354   7.977   -2.477  1.00 25.52 ? 13 DG  B "O3'" 1 
ATOM   255 C "C2'" . DG  B 1 5 ? 4.839   6.327   -3.537  1.00 24.05 ? 13 DG  B "C2'" 1 
ATOM   256 C "C1'" . DG  B 1 5 ? 4.981   4.817   -3.748  1.00 22.87 ? 13 DG  B "C1'" 1 
ATOM   257 N N9    . DG  B 1 5 ? 4.031   4.125   -2.851  1.00 21.76 ? 13 DG  B N9    1 
ATOM   258 C C8    . DG  B 1 5 ? 4.291   3.557   -1.634  1.00 21.70 ? 13 DG  B C8    1 
ATOM   259 N N7    . DG  B 1 5 ? 3.227   3.047   -1.079  1.00 21.91 ? 13 DG  B N7    1 
ATOM   260 C C5    . DG  B 1 5 ? 2.210   3.324   -1.984  1.00 21.94 ? 13 DG  B C5    1 
ATOM   261 C C6    . DG  B 1 5 ? 0.824   3.027   -1.918  1.00 21.85 ? 13 DG  B C6    1 
ATOM   262 O O6    . DG  B 1 5 ? 0.254   2.428   -0.990  1.00 22.20 ? 13 DG  B O6    1 
ATOM   263 N N1    . DG  B 1 5 ? 0.147   3.480   -3.038  1.00 21.43 ? 13 DG  B N1    1 
ATOM   264 C C2    . DG  B 1 5 ? 0.717   4.140   -4.089  1.00 21.59 ? 13 DG  B C2    1 
ATOM   265 N N2    . DG  B 1 5 ? -0.088  4.505   -5.099  1.00 21.57 ? 13 DG  B N2    1 
ATOM   266 N N3    . DG  B 1 5 ? 2.006   4.435   -4.163  1.00 21.82 ? 13 DG  B N3    1 
ATOM   267 C C4    . DG  B 1 5 ? 2.689   3.993   -3.082  1.00 21.84 ? 13 DG  B C4    1 
ATOM   268 P P     . DC  B 1 6 ? 5.949   9.015   -1.332  1.00 25.89 ? 14 DC  B P     1 
ATOM   269 O OP1   . DC  B 1 6 ? 6.763   10.237  -1.516  1.00 26.50 ? 14 DC  B OP1   1 
ATOM   270 O OP2   . DC  B 1 6 ? 5.948   8.379   -0.019  1.00 25.80 ? 14 DC  B OP2   1 
ATOM   271 O "O5'" . DC  B 1 6 ? 4.435   9.366   -1.768  1.00 26.15 ? 14 DC  B "O5'" 1 
ATOM   272 C "C5'" . DC  B 1 6 ? 4.182   9.744   -3.144  1.00 25.61 ? 14 DC  B "C5'" 1 
ATOM   273 C "C4'" . DC  B 1 6 ? 2.697   9.645   -3.419  1.00 25.08 ? 14 DC  B "C4'" 1 
ATOM   274 O "O4'" . DC  B 1 6 ? 2.319   8.257   -3.306  1.00 24.91 ? 14 DC  B "O4'" 1 
ATOM   275 C "C3'" . DC  B 1 6 ? 1.794   10.339  -2.418  1.00 24.98 ? 14 DC  B "C3'" 1 
ATOM   276 O "O3'" . DC  B 1 6 ? 1.678   11.754  -2.598  1.00 25.64 ? 14 DC  B "O3'" 1 
ATOM   277 C "C2'" . DC  B 1 6 ? 0.487   9.604   -2.645  1.00 24.94 ? 14 DC  B "C2'" 1 
ATOM   278 C "C1'" . DC  B 1 6 ? 0.951   8.185   -2.886  1.00 23.74 ? 14 DC  B "C1'" 1 
ATOM   279 N N1    . DC  B 1 6 ? 0.851   7.293   -1.728  1.00 23.58 ? 14 DC  B N1    1 
ATOM   280 C C2    . DC  B 1 6 ? -0.391  6.739   -1.398  1.00 23.14 ? 14 DC  B C2    1 
ATOM   281 O O2    . DC  B 1 6 ? -1.352  7.037   -2.113  1.00 23.50 ? 14 DC  B O2    1 
ATOM   282 N N3    . DC  B 1 6 ? -0.474  5.908   -0.336  1.00 23.27 ? 14 DC  B N3    1 
ATOM   283 C C4    . DC  B 1 6 ? 0.615   5.627   0.381   1.00 23.02 ? 14 DC  B C4    1 
ATOM   284 N N4    . DC  B 1 6 ? 0.447   4.794   1.415   1.00 23.04 ? 14 DC  B N4    1 
ATOM   285 C C5    . DC  B 1 6 ? 1.879   6.188   0.068   1.00 22.85 ? 14 DC  B C5    1 
ATOM   286 C C6    . DC  B 1 6 ? 1.958   7.009   -0.978  1.00 23.34 ? 14 DC  B C6    1 
ATOM   287 P P     . DC  B 1 7 ? 1.144   12.580  -1.324  1.00 26.10 ? 15 DC  B P     1 
ATOM   288 O OP1   . DC  B 1 7 ? 1.303   14.035  -1.496  1.00 25.71 ? 15 DC  B OP1   1 
ATOM   289 O OP2   . DC  B 1 7 ? 1.883   12.014  -0.154  1.00 25.36 ? 15 DC  B OP2   1 
ATOM   290 O "O5'" . DC  B 1 7 ? -0.377  12.158  -1.256  1.00 25.35 ? 15 DC  B "O5'" 1 
ATOM   291 C "C5'" . DC  B 1 7 ? -1.474  12.613  -2.062  1.00 25.09 ? 15 DC  B "C5'" 1 
ATOM   292 C "C4'" . DC  B 1 7 ? -2.735  11.974  -1.535  1.00 25.27 ? 15 DC  B "C4'" 1 
ATOM   293 O "O4'" . DC  B 1 7 ? -2.525  10.553  -1.436  1.00 25.11 ? 15 DC  B "O4'" 1 
ATOM   294 C "C3'" . DC  B 1 7 ? -3.213  12.370  -0.144  1.00 25.10 ? 15 DC  B "C3'" 1 
ATOM   295 O "O3'" . DC  B 1 7 ? -3.927  13.617  -0.147  1.00 25.94 ? 15 DC  B "O3'" 1 
ATOM   296 C "C2'" . DC  B 1 7 ? -4.167  11.217  0.152   1.00 24.98 ? 15 DC  B "C2'" 1 
ATOM   297 C "C1'" . DC  B 1 7 ? -3.392  10.050  -0.413  1.00 24.40 ? 15 DC  B "C1'" 1 
ATOM   298 N N1    . DC  B 1 7 ? -2.589  9.347   0.600   1.00 24.01 ? 15 DC  B N1    1 
ATOM   299 C C2    . DC  B 1 7 ? -3.272  8.579   1.554   1.00 23.71 ? 15 DC  B C2    1 
ATOM   300 O O2    . DC  B 1 7 ? -4.502  8.547   1.486   1.00 23.92 ? 15 DC  B O2    1 
ATOM   301 N N3    . DC  B 1 7 ? -2.559  7.919   2.491   1.00 23.77 ? 15 DC  B N3    1 
ATOM   302 C C4    . DC  B 1 7 ? -1.228  8.005   2.495   1.00 23.41 ? 15 DC  B C4    1 
ATOM   303 N N4    . DC  B 1 7 ? -0.539  7.351   3.429   1.00 23.76 ? 15 DC  B N4    1 
ATOM   304 C C5    . DC  B 1 7 ? -0.526  8.786   1.536   1.00 23.78 ? 15 DC  B C5    1 
ATOM   305 C C6    . DC  B 1 7 ? -1.237  9.443   0.615   1.00 23.60 ? 15 DC  B C6    1 
ATOM   306 P P     . DC  B 1 8 ? -4.004  14.428  1.216   1.00 26.91 ? 16 DC  B P     1 
ATOM   307 O OP1   . DC  B 1 8 ? -4.516  15.802  0.973   1.00 26.81 ? 16 DC  B OP1   1 
ATOM   308 O OP2   . DC  B 1 8 ? -2.749  14.320  1.983   1.00 26.58 ? 16 DC  B OP2   1 
ATOM   309 O "O5'" . DC  B 1 8 ? -5.138  13.579  1.942   1.00 27.65 ? 16 DC  B "O5'" 1 
ATOM   310 C "C5'" . DC  B 1 8 ? -6.515  14.049  1.922   1.00 28.31 ? 16 DC  B "C5'" 1 
ATOM   311 C "C4'" . DC  B 1 8 ? -7.246  13.136  2.886   1.00 28.92 ? 16 DC  B "C4'" 1 
ATOM   312 O "O4'" . DC  B 1 8 ? -6.671  11.813  2.773   1.00 29.09 ? 16 DC  B "O4'" 1 
ATOM   313 C "C3'" . DC  B 1 8 ? -7.034  13.512  4.348   1.00 28.72 ? 16 DC  B "C3'" 1 
ATOM   314 O "O3'" . DC  B 1 8 ? -7.991  14.516  4.735   1.00 30.60 ? 16 DC  B "O3'" 1 
ATOM   315 C "C2'" . DC  B 1 8 ? -7.294  12.189  5.039   1.00 29.28 ? 16 DC  B "C2'" 1 
ATOM   316 C "C1'" . DC  B 1 8 ? -6.757  11.175  4.048   1.00 29.43 ? 16 DC  B "C1'" 1 
ATOM   317 N N1    . DC  B 1 8 ? -5.441  10.674  4.471   1.00 29.33 ? 16 DC  B N1    1 
ATOM   318 C C2    . DC  B 1 8 ? -5.401  9.662   5.439   1.00 29.91 ? 16 DC  B C2    1 
ATOM   319 O O2    . DC  B 1 8 ? -6.478  9.242   5.873   1.00 30.40 ? 16 DC  B O2    1 
ATOM   320 N N3    . DC  B 1 8 ? -4.199  9.196   5.843   1.00 30.13 ? 16 DC  B N3    1 
ATOM   321 C C4    . DC  B 1 8 ? -3.086  9.709   5.324   1.00 29.90 ? 16 DC  B C4    1 
ATOM   322 N N4    . DC  B 1 8 ? -1.912  9.227   5.752   1.00 29.89 ? 16 DC  B N4    1 
ATOM   323 C C5    . DC  B 1 8 ? -3.113  10.743  4.347   1.00 29.40 ? 16 DC  B C5    1 
ATOM   324 C C6    . DC  B 1 8 ? -4.302  11.200  3.958   1.00 29.48 ? 16 DC  B C6    1 
HETATM 325 O O     . HOH C 2 . ? 2.283   -10.738 -10.885 1.00 26.36 ? 19 HOH A O     1 
HETATM 326 O O     . HOH C 2 . ? -6.452  -2.468  -2.728  1.00 40.67 ? 20 HOH A O     1 
HETATM 327 O O     . HOH C 2 . ? 5.184   -12.716 -12.446 1.00 38.63 ? 23 HOH A O     1 
HETATM 328 O O     . HOH C 2 . ? 3.662   -9.060  -13.287 1.00 60.72 ? 24 HOH A O     1 
HETATM 329 O O     . HOH C 2 . ? -7.071  -2.612  0.206   1.00 35.52 ? 25 HOH A O     1 
HETATM 330 O O     . HOH C 2 . ? -0.222  -9.526  -6.760  1.00 43.56 ? 29 HOH A O     1 
HETATM 331 O O     . HOH C 2 . ? 1.149   -9.020  -12.499 1.00 48.73 ? 31 HOH A O     1 
HETATM 332 O O     . HOH C 2 . ? -9.905  -3.621  3.369   1.00 47.22 ? 32 HOH A O     1 
HETATM 333 O O     . HOH C 2 . ? -2.853  3.992   -5.124  1.00 43.43 ? 34 HOH A O     1 
HETATM 334 O O     . HOH C 2 . ? -0.169  1.140   1.694   1.00 20.31 ? 35 HOH A O     1 
HETATM 335 O O     . HOH C 2 . ? -8.139  -1.391  11.386  1.00 40.94 ? 37 HOH A O     1 
HETATM 336 O O     . HOH C 2 . ? -2.364  -4.438  -12.946 1.00 41.93 ? 40 HOH A O     1 
HETATM 337 O O     . HOH C 2 . ? -0.980  -6.806  -5.496  1.00 62.73 ? 41 HOH A O     1 
HETATM 338 O O     . HOH C 2 . ? -2.253  -5.031  -8.880  1.00 40.13 ? 42 HOH A O     1 
HETATM 339 O O     . HOH C 2 . ? 5.755   1.024   -5.135  1.00 67.54 ? 44 HOH A O     1 
HETATM 340 O O     . HOH C 2 . ? -10.333 -4.865  0.918   1.00 53.98 ? 48 HOH A O     1 
HETATM 341 O O     . HOH C 2 . ? 1.126   -8.856  -9.006  1.00 50.15 ? 49 HOH A O     1 
HETATM 342 O O     . HOH C 2 . ? -5.416  -4.780  10.158  1.00 51.35 ? 50 HOH A O     1 
HETATM 343 O O     . HOH C 2 . ? -1.326  2.018   7.895   1.00 69.65 ? 51 HOH A O     1 
HETATM 344 O O     . HOH C 2 . ? -8.374  -0.555  14.495  1.00 34.60 ? 52 HOH A O     1 
HETATM 345 O O     . HOH C 2 . ? 7.818   -12.721 -9.609  1.00 36.90 ? 54 HOH A O     1 
HETATM 346 O O     . HOH C 2 . ? 0.413   3.397   6.113   1.00 50.04 ? 56 HOH A O     1 
HETATM 347 O O     . HOH C 2 . ? -3.766  0.384   4.738   1.00 46.33 ? 59 HOH A O     1 
HETATM 348 O O     . HOH D 2 . ? -8.883  8.004   5.394   1.00 30.22 ? 17 HOH B O     1 
HETATM 349 O O     . HOH D 2 . ? -0.115  14.753  2.179   1.00 51.64 ? 18 HOH B O     1 
HETATM 350 O O     . HOH D 2 . ? -2.682  8.235   -4.785  1.00 13.26 ? 21 HOH B O     1 
HETATM 351 O O     . HOH D 2 . ? 5.561   -6.802  9.927   1.00 19.26 ? 22 HOH B O     1 
HETATM 352 O O     . HOH D 2 . ? -10.453 15.592  4.178   1.00 43.97 ? 26 HOH B O     1 
HETATM 353 O O     . HOH D 2 . ? -0.439  -9.447  10.277  1.00 36.98 ? 27 HOH B O     1 
HETATM 354 O O     . HOH D 2 . ? 2.964   -8.153  10.010  1.00 24.41 ? 28 HOH B O     1 
HETATM 355 O O     . HOH D 2 . ? 6.457   -1.257  7.156   1.00 52.46 ? 30 HOH B O     1 
HETATM 356 O O     . HOH D 2 . ? -2.996  -8.828  5.164   1.00 22.87 ? 33 HOH B O     1 
HETATM 357 O O     . HOH D 2 . ? 5.835   6.143   2.139   1.00 39.81 ? 36 HOH B O     1 
HETATM 358 O O     . HOH D 2 . ? 12.169  0.817   5.405   1.00 35.32 ? 38 HOH B O     1 
HETATM 359 O O     . HOH D 2 . ? -2.875  11.161  -5.104  1.00 37.30 ? 39 HOH B O     1 
HETATM 360 O O     . HOH D 2 . ? 7.873   -5.956  9.239   1.00 42.61 ? 43 HOH B O     1 
HETATM 361 O O     . HOH D 2 . ? 13.205  2.818   7.340   1.00 47.94 ? 45 HOH B O     1 
HETATM 362 O O     . HOH D 2 . ? 5.452   12.179  -0.212  1.00 53.20 ? 46 HOH B O     1 
HETATM 363 O O     . HOH D 2 . ? 1.692   2.913   3.617   1.00 39.84 ? 47 HOH B O     1 
HETATM 364 O O     . HOH D 2 . ? 2.870   1.456   1.461   1.00 23.90 ? 53 HOH B O     1 
HETATM 365 O O     . HOH D 2 . ? -0.687  -2.327  0.941   1.00 48.00 ? 55 HOH B O     1 
HETATM 366 O O     . HOH D 2 . ? -6.299  17.647  1.643   1.00 47.45 ? 57 HOH B O     1 
HETATM 367 O O     . HOH D 2 . ? 7.463   -3.308  9.517   1.00 52.39 ? 58 HOH B O     1 
# 
